data_7U31
#
_entry.id   7U31
#
_cell.length_a   82.650
_cell.length_b   85.360
_cell.length_c   178.360
_cell.angle_alpha   90.000
_cell.angle_beta   90.000
_cell.angle_gamma   90.000
#
_symmetry.space_group_name_H-M   'P 21 21 21'
#
loop_
_entity.id
_entity.type
_entity.pdbx_description
1 polymer 'Glycogen synthase kinase-3 beta'
2 non-polymer 'CHLORIDE ION'
3 non-polymer 5-(4-fluorophenyl)-4-[1-(methanesulfonyl)azetidin-3-yl]pyrimidin-2-amine
4 water water
#
_entity_poly.entity_id   1
_entity_poly.type   'polypeptide(L)'
_entity_poly.pdbx_seq_one_letter_code
;KVTTVVATPGQGPDRPQEVSYTDTKVIGNGSFGVVYQAKLCDSGELVAIKKVLQDKRFKNRELQIMRKLDHCNIVRLRYF
FYSSGEKKDEVYLNLVLDYVPETVYRVARHYSRAKQTLPVIYVKLYMYQLFRSLAYIHSFGICHRDIKPQNLLLDPDTAV
LKLCDFGSAKQLVRGEPNVSYICSRYYRAPELIFGATDYTSSIDVWSAGCVLAELLLGQPIFPGDSGVDQLVEIIKVLGT
PTREQIREMNPNYTEFKFPQIKAHPWTKVFRPRTPPEAIALCSRLLEYTPTARLTPLEACAHSFFDELRDPNVKLPNGRD
TPALFNFTTQELSSNPPLATILIPPHARIQ
;
_entity_poly.pdbx_strand_id   A,B
#
# COMPACT_ATOMS: atom_id res chain seq x y z
N LYS A 1 38.13 11.56 11.03
CA LYS A 1 36.94 11.82 11.89
C LYS A 1 36.58 10.59 12.72
N VAL A 2 36.47 10.79 14.05
CA VAL A 2 36.17 9.72 15.01
C VAL A 2 35.24 10.22 16.13
N THR A 3 33.99 9.74 16.10
CA THR A 3 33.05 9.97 17.19
C THR A 3 33.37 9.00 18.32
N THR A 4 33.28 9.48 19.56
CA THR A 4 33.36 8.64 20.73
C THR A 4 32.21 8.99 21.67
N VAL A 5 31.49 7.95 22.10
CA VAL A 5 30.36 8.10 23.01
C VAL A 5 30.46 7.11 24.16
N VAL A 6 29.68 7.37 25.21
CA VAL A 6 29.53 6.47 26.32
C VAL A 6 28.15 5.85 26.16
N ALA A 7 28.13 4.56 25.78
CA ALA A 7 26.90 3.82 25.49
C ALA A 7 26.60 2.70 26.50
N THR A 8 25.31 2.43 26.69
CA THR A 8 24.81 1.32 27.49
C THR A 8 24.69 0.07 26.61
N PRO A 9 25.26 -1.09 27.00
CA PRO A 9 25.10 -2.32 26.22
C PRO A 9 23.66 -2.83 26.21
N GLY A 10 23.22 -3.41 25.09
CA GLY A 10 21.84 -3.80 24.89
C GLY A 10 21.40 -4.92 25.82
N GLN A 11 22.24 -5.95 25.87
CA GLN A 11 22.10 -7.05 26.82
C GLN A 11 23.07 -6.82 27.97
N GLY A 12 22.90 -7.60 29.05
CA GLY A 12 23.80 -7.59 30.18
C GLY A 12 23.43 -6.49 31.18
N PRO A 13 24.26 -6.27 32.23
CA PRO A 13 24.00 -5.24 33.22
C PRO A 13 24.44 -3.84 32.73
N ASP A 14 23.90 -2.78 33.34
CA ASP A 14 24.20 -1.39 32.97
C ASP A 14 25.65 -1.03 33.30
N ARG A 15 26.55 -1.39 32.37
CA ARG A 15 28.01 -1.12 32.48
C ARG A 15 28.41 -0.21 31.31
N PRO A 16 28.31 1.12 31.49
CA PRO A 16 28.58 2.07 30.41
C PRO A 16 29.97 1.86 29.81
N GLN A 17 30.12 2.00 28.49
CA GLN A 17 31.39 1.75 27.83
C GLN A 17 31.68 2.81 26.81
N GLU A 18 32.95 3.18 26.71
CA GLU A 18 33.44 4.14 25.73
C GLU A 18 33.45 3.39 24.40
N VAL A 19 32.63 3.85 23.45
CA VAL A 19 32.55 3.27 22.12
C VAL A 19 32.95 4.33 21.10
N SER A 20 33.96 4.01 20.28
CA SER A 20 34.55 4.91 19.30
C SER A 20 34.39 4.35 17.90
N TYR A 21 33.73 5.10 17.02
CA TYR A 21 33.39 4.66 15.65
C TYR A 21 33.76 5.74 14.62
N THR A 22 34.04 5.28 13.40
CA THR A 22 34.50 6.09 12.28
C THR A 22 33.75 5.65 11.01
N ASP A 23 34.16 6.20 9.85
CA ASP A 23 33.59 5.87 8.54
C ASP A 23 32.07 5.97 8.54
N THR A 24 31.54 7.05 9.11
CA THR A 24 30.10 7.20 9.31
C THR A 24 29.38 7.48 7.99
N LYS A 25 29.19 6.41 7.20
CA LYS A 25 28.23 6.35 6.08
C LYS A 25 26.77 6.65 6.38
N VAL A 26 25.95 6.80 5.34
CA VAL A 26 24.49 6.82 5.49
C VAL A 26 23.90 5.70 4.64
N ILE A 27 22.75 5.20 5.12
CA ILE A 27 21.90 4.26 4.37
C ILE A 27 20.47 4.67 4.73
N GLY A 28 19.48 3.87 4.33
CA GLY A 28 18.06 4.17 4.48
C GLY A 28 17.62 5.19 5.54
N ASN A 29 16.37 5.67 5.38
CA ASN A 29 15.73 6.58 6.34
C ASN A 29 14.26 6.78 5.98
N GLY A 30 13.40 6.86 7.00
CA GLY A 30 11.97 6.95 6.81
C GLY A 30 11.20 7.25 8.07
N SER A 31 10.15 6.46 8.31
CA SER A 31 9.20 6.60 9.43
C SER A 31 9.77 6.80 10.86
N PHE A 32 11.07 6.54 11.02
CA PHE A 32 11.76 6.60 12.31
C PHE A 32 12.71 7.80 12.35
N GLY A 33 13.53 7.94 11.32
CA GLY A 33 14.63 8.89 11.26
C GLY A 33 15.74 8.33 10.39
N VAL A 34 16.97 8.79 10.61
CA VAL A 34 18.14 8.40 9.81
C VAL A 34 18.71 7.06 10.28
N VAL A 35 19.38 6.34 9.37
CA VAL A 35 20.16 5.14 9.68
C VAL A 35 21.54 5.25 9.04
N TYR A 36 22.58 5.30 9.90
CA TYR A 36 24.00 5.40 9.49
C TYR A 36 24.64 4.01 9.53
N GLN A 37 25.72 3.83 8.76
CA GLN A 37 26.64 2.73 8.92
C GLN A 37 27.90 3.32 9.53
N ALA A 38 28.67 2.49 10.24
CA ALA A 38 29.93 2.90 10.83
C ALA A 38 30.84 1.72 11.08
N LYS A 39 32.13 2.04 11.28
CA LYS A 39 33.16 1.08 11.65
C LYS A 39 33.64 1.38 13.07
N LEU A 40 33.62 0.35 13.93
CA LEU A 40 34.12 0.46 15.30
C LEU A 40 35.66 0.45 15.30
N CYS A 41 36.25 1.41 16.02
CA CYS A 41 37.68 1.66 15.98
C CYS A 41 38.56 0.51 16.48
N ASP A 42 38.13 -0.17 17.55
CA ASP A 42 38.91 -1.26 18.14
C ASP A 42 38.84 -2.54 17.29
N SER A 43 37.64 -3.12 17.21
CA SER A 43 37.42 -4.43 16.60
C SER A 43 37.40 -4.38 15.08
N GLY A 44 37.16 -3.20 14.52
CA GLY A 44 37.14 -2.99 13.08
C GLY A 44 35.81 -3.38 12.43
N GLU A 45 34.86 -3.83 13.26
CA GLU A 45 33.59 -4.39 12.81
C GLU A 45 32.66 -3.27 12.34
N LEU A 46 31.78 -3.61 11.39
CA LEU A 46 30.76 -2.67 10.91
C LEU A 46 29.50 -2.77 11.76
N VAL A 47 28.83 -1.64 11.95
CA VAL A 47 27.58 -1.56 12.71
C VAL A 47 26.65 -0.55 12.07
N ALA A 48 25.35 -0.71 12.35
CA ALA A 48 24.32 0.19 11.87
C ALA A 48 23.79 0.95 13.05
N ILE A 49 23.68 2.28 12.89
CA ILE A 49 23.14 3.14 13.93
C ILE A 49 21.80 3.70 13.48
N LYS A 50 20.74 3.38 14.21
CA LYS A 50 19.39 3.84 13.95
C LYS A 50 19.09 4.98 14.93
N LYS A 51 19.04 6.21 14.40
CA LYS A 51 18.80 7.41 15.18
C LYS A 51 17.32 7.78 15.07
N VAL A 52 16.65 8.01 16.21
CA VAL A 52 15.26 8.39 16.27
C VAL A 52 15.01 9.46 17.32
N LEU A 53 14.04 10.35 17.04
CA LEU A 53 13.62 11.39 17.96
C LEU A 53 13.03 10.73 19.20
N GLN A 54 13.50 11.13 20.38
CA GLN A 54 13.01 10.54 21.62
C GLN A 54 11.90 11.38 22.22
N ASP A 55 10.79 10.71 22.54
CA ASP A 55 9.60 11.30 23.12
C ASP A 55 9.85 11.36 24.61
N LYS A 56 9.53 12.51 25.21
CA LYS A 56 9.74 12.78 26.64
C LYS A 56 8.77 11.98 27.53
N ARG A 57 7.50 11.88 27.10
CA ARG A 57 6.37 11.40 27.95
C ARG A 57 6.44 9.88 28.09
N PHE A 58 6.72 9.15 27.01
CA PHE A 58 6.96 7.69 27.07
C PHE A 58 8.39 7.37 26.67
N LYS A 59 8.86 6.18 27.04
CA LYS A 59 10.16 5.64 26.63
C LYS A 59 9.98 4.75 25.41
N ASN A 60 11.02 4.71 24.58
CA ASN A 60 10.99 4.08 23.25
C ASN A 60 10.70 2.57 23.28
N ARG A 61 9.61 2.18 22.62
CA ARG A 61 9.08 0.79 22.64
C ARG A 61 10.06 -0.15 21.92
N GLU A 62 10.72 0.32 20.85
CA GLU A 62 11.69 -0.47 20.12
C GLU A 62 12.80 -0.88 21.09
N LEU A 63 13.40 0.12 21.75
CA LEU A 63 14.46 -0.11 22.74
C LEU A 63 14.02 -1.12 23.78
N GLN A 64 12.86 -0.88 24.41
CA GLN A 64 12.30 -1.73 25.45
C GLN A 64 12.20 -3.18 24.99
N ILE A 65 11.84 -3.38 23.72
CA ILE A 65 11.71 -4.70 23.13
C ILE A 65 13.08 -5.29 22.78
N MET A 66 13.90 -4.52 22.05
CA MET A 66 15.24 -4.95 21.64
C MET A 66 16.07 -5.48 22.81
N ARG A 67 15.95 -4.84 23.98
CA ARG A 67 16.74 -5.18 25.19
C ARG A 67 16.31 -6.54 25.75
N LYS A 68 15.03 -6.89 25.66
CA LYS A 68 14.52 -8.20 26.10
C LYS A 68 14.94 -9.36 25.19
N LEU A 69 15.36 -9.06 23.96
CA LEU A 69 15.56 -10.07 22.93
C LEU A 69 17.01 -10.49 22.78
N ASP A 70 17.24 -11.81 22.83
CA ASP A 70 18.54 -12.42 22.61
C ASP A 70 18.34 -13.75 21.88
N HIS A 71 18.69 -13.78 20.58
CA HIS A 71 18.42 -14.91 19.70
C HIS A 71 19.25 -14.72 18.45
N CYS A 72 19.83 -15.81 17.94
CA CYS A 72 20.81 -15.74 16.86
C CYS A 72 20.18 -15.51 15.49
N ASN A 73 18.84 -15.54 15.44
CA ASN A 73 18.06 -15.17 14.24
C ASN A 73 17.35 -13.80 14.36
N ILE A 74 17.89 -12.91 15.21
CA ILE A 74 17.38 -11.57 15.43
C ILE A 74 18.56 -10.63 15.62
N VAL A 75 18.58 -9.50 14.89
CA VAL A 75 19.68 -8.55 14.99
C VAL A 75 19.92 -8.21 16.44
N ARG A 76 21.20 -8.07 16.80
CA ARG A 76 21.65 -7.77 18.18
C ARG A 76 21.77 -6.25 18.34
N LEU A 77 21.17 -5.74 19.42
CA LEU A 77 21.41 -4.40 19.89
C LEU A 77 22.72 -4.43 20.71
N ARG A 78 23.83 -4.03 20.08
CA ARG A 78 25.18 -4.04 20.71
C ARG A 78 25.22 -3.01 21.84
N TYR A 79 24.81 -1.77 21.53
CA TYR A 79 24.77 -0.64 22.50
C TYR A 79 23.57 0.24 22.17
N PHE A 80 23.29 1.20 23.05
CA PHE A 80 22.45 2.33 22.73
C PHE A 80 22.94 3.52 23.52
N PHE A 81 22.79 4.72 22.94
CA PHE A 81 23.14 5.97 23.61
C PHE A 81 22.25 7.08 23.12
N TYR A 82 22.09 8.11 23.94
CA TYR A 82 21.29 9.33 23.63
C TYR A 82 22.21 10.46 23.19
N SER A 83 21.75 11.28 22.25
CA SER A 83 22.50 12.43 21.75
C SER A 83 21.56 13.52 21.23
N SER A 84 22.14 14.59 20.67
CA SER A 84 21.40 15.68 20.06
C SER A 84 22.24 16.41 19.01
N GLY A 85 22.79 17.58 19.37
CA GLY A 85 23.58 18.41 18.47
C GLY A 85 22.77 19.46 17.70
N GLU A 86 23.20 20.72 17.78
CA GLU A 86 22.66 21.83 16.99
C GLU A 86 21.18 22.14 17.31
N LYS A 87 20.43 22.61 16.31
CA LYS A 87 19.10 23.22 16.50
C LYS A 87 18.01 22.33 17.16
N LYS A 88 17.18 22.96 18.00
CA LYS A 88 16.11 22.28 18.74
C LYS A 88 16.43 21.58 20.04
N ASP A 89 15.44 21.51 20.94
CA ASP A 89 15.54 20.83 22.22
C ASP A 89 15.05 19.41 21.98
N GLU A 90 15.84 18.69 21.17
CA GLU A 90 15.54 17.34 20.71
C GLU A 90 16.59 16.38 21.28
N VAL A 91 16.11 15.29 21.88
CA VAL A 91 16.96 14.19 22.32
C VAL A 91 16.78 13.07 21.31
N TYR A 92 17.90 12.54 20.80
CA TYR A 92 17.94 11.40 19.83
C TYR A 92 18.39 10.12 20.56
N LEU A 93 17.60 9.05 20.43
CA LEU A 93 17.96 7.71 20.85
C LEU A 93 18.69 7.04 19.68
N ASN A 94 19.94 6.66 19.90
CA ASN A 94 20.75 5.96 18.91
C ASN A 94 20.84 4.49 19.28
N LEU A 95 20.44 3.61 18.36
CA LEU A 95 20.55 2.18 18.52
C LEU A 95 21.71 1.67 17.66
N VAL A 96 22.75 1.13 18.30
CA VAL A 96 23.85 0.48 17.59
C VAL A 96 23.54 -1.00 17.40
N LEU A 97 23.45 -1.41 16.14
CA LEU A 97 23.09 -2.77 15.76
C LEU A 97 24.18 -3.38 14.92
N ASP A 98 24.26 -4.72 14.94
CA ASP A 98 25.15 -5.46 14.06
C ASP A 98 24.76 -5.11 12.63
N TYR A 99 25.75 -4.79 11.79
CA TYR A 99 25.58 -4.60 10.34
C TYR A 99 25.53 -5.98 9.67
N VAL A 100 24.54 -6.21 8.80
CA VAL A 100 24.41 -7.43 8.04
C VAL A 100 24.21 -7.02 6.58
N PRO A 101 25.11 -7.46 5.66
CA PRO A 101 25.24 -6.83 4.34
C PRO A 101 23.98 -6.90 3.46
N GLU A 102 23.46 -8.12 3.25
CA GLU A 102 22.38 -8.37 2.32
C GLU A 102 21.03 -8.48 3.04
N THR A 103 19.97 -8.48 2.23
CA THR A 103 18.60 -8.68 2.68
C THR A 103 17.93 -9.65 1.71
N VAL A 104 16.90 -10.34 2.19
CA VAL A 104 16.15 -11.23 1.34
C VAL A 104 15.59 -10.45 0.14
N TYR A 105 15.25 -9.19 0.35
CA TYR A 105 14.69 -8.29 -0.69
C TYR A 105 15.67 -8.17 -1.86
N ARG A 106 16.91 -7.78 -1.56
CA ARG A 106 17.98 -7.55 -2.57
C ARG A 106 18.29 -8.87 -3.28
N VAL A 107 18.50 -9.95 -2.52
CA VAL A 107 18.77 -11.27 -3.07
C VAL A 107 17.65 -11.69 -3.99
N ALA A 108 16.43 -11.73 -3.46
CA ALA A 108 15.25 -12.13 -4.25
C ALA A 108 15.22 -11.41 -5.59
N ARG A 109 15.47 -10.10 -5.55
CA ARG A 109 15.37 -9.18 -6.72
C ARG A 109 16.50 -9.48 -7.71
N HIS A 110 17.70 -9.83 -7.24
CA HIS A 110 18.80 -10.24 -8.13
C HIS A 110 18.38 -11.42 -8.99
N TYR A 111 17.79 -12.42 -8.35
CA TYR A 111 17.27 -13.65 -9.01
C TYR A 111 16.12 -13.25 -9.93
N SER A 112 15.25 -12.34 -9.50
CA SER A 112 14.05 -11.95 -10.25
C SER A 112 14.39 -11.22 -11.57
N ARG A 113 15.32 -10.27 -11.50
CA ARG A 113 15.86 -9.53 -12.68
C ARG A 113 16.47 -10.53 -13.66
N ALA A 114 17.29 -11.47 -13.17
CA ALA A 114 17.93 -12.49 -14.01
C ALA A 114 17.00 -13.65 -14.41
N LYS A 115 15.68 -13.49 -14.22
CA LYS A 115 14.65 -14.48 -14.56
C LYS A 115 14.81 -15.87 -13.89
N GLN A 116 15.59 -15.91 -12.80
CA GLN A 116 15.83 -17.12 -11.99
C GLN A 116 14.93 -17.14 -10.76
N THR A 117 14.83 -18.30 -10.12
CA THR A 117 14.34 -18.42 -8.74
C THR A 117 15.49 -18.84 -7.84
N LEU A 118 15.41 -18.42 -6.58
CA LEU A 118 16.38 -18.76 -5.56
C LEU A 118 16.32 -20.28 -5.38
N PRO A 119 17.47 -20.99 -5.38
CA PRO A 119 17.50 -22.42 -5.09
C PRO A 119 16.73 -22.78 -3.81
N VAL A 120 15.86 -23.81 -3.89
CA VAL A 120 14.97 -24.20 -2.80
C VAL A 120 15.70 -24.42 -1.46
N ILE A 121 16.94 -24.89 -1.52
CA ILE A 121 17.73 -25.10 -0.32
C ILE A 121 17.80 -23.82 0.52
N TYR A 122 18.03 -22.68 -0.13
CA TYR A 122 18.10 -21.33 0.49
C TYR A 122 16.71 -20.89 0.95
N VAL A 123 15.66 -21.22 0.19
CA VAL A 123 14.29 -20.95 0.60
C VAL A 123 14.02 -21.62 1.95
N LYS A 124 14.34 -22.92 2.05
CA LYS A 124 14.24 -23.70 3.28
C LYS A 124 15.01 -23.08 4.44
N LEU A 125 16.31 -22.84 4.22
CA LEU A 125 17.16 -22.26 5.23
C LEU A 125 16.62 -20.93 5.76
N TYR A 126 16.31 -20.00 4.86
CA TYR A 126 15.85 -18.62 5.19
C TYR A 126 14.49 -18.72 5.90
N MET A 127 13.55 -19.48 5.33
CA MET A 127 12.22 -19.56 5.89
C MET A 127 12.18 -20.17 7.29
N TYR A 128 12.95 -21.25 7.48
CA TYR A 128 13.09 -21.95 8.78
C TYR A 128 13.57 -20.96 9.85
N GLN A 129 14.63 -20.21 9.54
CA GLN A 129 15.20 -19.25 10.49
C GLN A 129 14.26 -18.09 10.82
N LEU A 130 13.45 -17.68 9.85
CA LEU A 130 12.44 -16.65 10.09
C LEU A 130 11.44 -17.17 11.11
N PHE A 131 10.91 -18.37 10.86
CA PHE A 131 9.96 -19.03 11.75
C PHE A 131 10.50 -19.26 13.16
N ARG A 132 11.80 -19.56 13.28
CA ARG A 132 12.46 -19.65 14.61
C ARG A 132 12.35 -18.29 15.30
N SER A 133 12.79 -17.22 14.64
CA SER A 133 12.74 -15.87 15.22
C SER A 133 11.31 -15.50 15.62
N LEU A 134 10.33 -15.92 14.81
CA LEU A 134 8.93 -15.68 15.14
C LEU A 134 8.51 -16.45 16.39
N ALA A 135 8.81 -17.76 16.42
CA ALA A 135 8.54 -18.61 17.58
C ALA A 135 9.05 -17.96 18.87
N TYR A 136 10.28 -17.44 18.80
CA TYR A 136 10.98 -16.76 19.93
C TYR A 136 10.20 -15.51 20.37
N ILE A 137 10.07 -14.50 19.49
CA ILE A 137 9.40 -13.26 19.87
C ILE A 137 7.93 -13.50 20.28
N HIS A 138 7.23 -14.39 19.55
CA HIS A 138 5.84 -14.71 19.88
C HIS A 138 5.71 -15.32 21.27
N SER A 139 6.73 -16.07 21.71
CA SER A 139 6.76 -16.66 23.04
C SER A 139 6.70 -15.59 24.15
N PHE A 140 7.25 -14.40 23.87
CA PHE A 140 7.12 -13.24 24.75
C PHE A 140 5.83 -12.45 24.51
N GLY A 141 4.94 -12.97 23.65
CA GLY A 141 3.73 -12.28 23.23
C GLY A 141 3.93 -11.02 22.40
N ILE A 142 5.12 -10.92 21.78
CA ILE A 142 5.49 -9.81 20.91
C ILE A 142 5.24 -10.17 19.44
N CYS A 143 4.51 -9.28 18.75
CA CYS A 143 4.22 -9.41 17.32
C CYS A 143 5.09 -8.40 16.61
N HIS A 144 5.68 -8.80 15.48
CA HIS A 144 6.60 -7.94 14.75
C HIS A 144 5.80 -6.89 13.98
N ARG A 145 4.79 -7.35 13.23
CA ARG A 145 3.75 -6.52 12.56
C ARG A 145 4.31 -5.85 11.29
N ASP A 146 5.53 -6.20 10.87
CA ASP A 146 6.06 -5.71 9.60
C ASP A 146 7.04 -6.68 8.97
N ILE A 147 6.63 -7.96 8.90
CA ILE A 147 7.43 -8.97 8.27
C ILE A 147 7.31 -8.73 6.77
N LYS A 148 8.47 -8.50 6.14
CA LYS A 148 8.61 -8.37 4.70
C LYS A 148 10.09 -8.56 4.35
N PRO A 149 10.40 -8.93 3.09
CA PRO A 149 11.77 -9.22 2.67
C PRO A 149 12.83 -8.17 3.05
N GLN A 150 12.47 -6.89 3.11
CA GLN A 150 13.43 -5.81 3.43
C GLN A 150 13.93 -5.89 4.87
N ASN A 151 13.14 -6.53 5.73
CA ASN A 151 13.44 -6.70 7.15
C ASN A 151 14.05 -8.07 7.51
N LEU A 152 14.48 -8.81 6.48
CA LEU A 152 15.13 -10.10 6.65
C LEU A 152 16.58 -10.00 6.16
N LEU A 153 17.50 -9.82 7.11
CA LEU A 153 18.92 -9.65 6.82
C LEU A 153 19.58 -11.01 6.62
N LEU A 154 20.56 -11.05 5.73
CA LEU A 154 21.29 -12.27 5.36
C LEU A 154 22.79 -12.03 5.39
N ASP A 155 23.51 -12.99 5.96
CA ASP A 155 24.94 -13.14 5.72
C ASP A 155 25.03 -14.18 4.60
N PRO A 156 25.57 -13.82 3.41
CA PRO A 156 25.56 -14.71 2.25
C PRO A 156 26.46 -15.95 2.44
N ASP A 157 27.57 -15.80 3.17
CA ASP A 157 28.52 -16.87 3.43
C ASP A 157 27.93 -17.96 4.32
N THR A 158 27.42 -17.55 5.49
CA THR A 158 26.93 -18.44 6.53
C THR A 158 25.47 -18.89 6.35
N ALA A 159 24.75 -18.20 5.46
CA ALA A 159 23.33 -18.44 5.20
C ALA A 159 22.44 -18.14 6.42
N VAL A 160 22.94 -17.32 7.35
CA VAL A 160 22.23 -16.95 8.56
C VAL A 160 21.29 -15.81 8.23
N LEU A 161 20.03 -15.96 8.65
CA LEU A 161 19.02 -14.93 8.49
C LEU A 161 18.76 -14.32 9.86
N LYS A 162 18.65 -12.98 9.90
CA LYS A 162 18.31 -12.27 11.10
C LYS A 162 17.16 -11.30 10.81
N LEU A 163 16.08 -11.45 11.59
CA LEU A 163 14.97 -10.52 11.60
C LEU A 163 15.40 -9.19 12.22
N CYS A 164 14.95 -8.08 11.60
CA CYS A 164 15.26 -6.73 12.08
C CYS A 164 14.08 -5.78 11.93
N ASP A 165 14.28 -4.53 12.36
CA ASP A 165 13.26 -3.46 12.37
C ASP A 165 12.06 -3.78 13.27
N PHE A 166 12.21 -3.52 14.56
CA PHE A 166 11.16 -3.75 15.55
C PHE A 166 10.39 -2.46 15.87
N GLY A 167 10.49 -1.47 14.97
CA GLY A 167 9.80 -0.20 15.09
C GLY A 167 8.28 -0.29 15.19
N SER A 168 7.69 -1.30 14.54
CA SER A 168 6.25 -1.56 14.59
C SER A 168 5.86 -2.60 15.65
N ALA A 169 6.87 -3.27 16.22
CA ALA A 169 6.67 -4.44 17.07
C ALA A 169 5.98 -4.05 18.36
N LYS A 170 5.14 -4.95 18.87
CA LYS A 170 4.36 -4.68 20.06
C LYS A 170 3.84 -5.93 20.77
N GLN A 171 3.82 -5.86 22.10
CA GLN A 171 3.18 -6.85 22.97
C GLN A 171 1.68 -6.84 22.73
N LEU A 172 1.13 -7.93 22.18
CA LEU A 172 -0.31 -8.06 21.97
C LEU A 172 -0.98 -8.79 23.12
N VAL A 173 -1.75 -8.05 23.92
CA VAL A 173 -2.52 -8.58 25.03
C VAL A 173 -3.97 -8.79 24.57
N ARG A 174 -4.53 -9.98 24.85
CA ARG A 174 -5.92 -10.34 24.46
C ARG A 174 -6.87 -9.35 25.12
N GLY A 175 -7.86 -8.84 24.37
CA GLY A 175 -8.81 -7.86 24.87
C GLY A 175 -8.43 -6.42 24.60
N GLU A 176 -7.13 -6.11 24.61
CA GLU A 176 -6.62 -4.78 24.27
C GLU A 176 -6.60 -4.63 22.76
N PRO A 177 -7.22 -3.55 22.19
CA PRO A 177 -7.28 -3.37 20.74
C PRO A 177 -6.01 -2.72 20.21
N ASN A 178 -5.64 -3.03 18.95
CA ASN A 178 -4.44 -2.49 18.31
C ASN A 178 -4.73 -1.95 16.93
N VAL A 179 -3.90 -0.99 16.51
CA VAL A 179 -4.10 -0.27 15.26
C VAL A 179 -3.98 -1.21 14.07
N SER A 180 -4.86 -1.04 13.09
CA SER A 180 -5.01 -1.95 11.97
C SER A 180 -4.16 -1.57 10.75
N TYR A 181 -3.39 -0.48 10.86
CA TYR A 181 -2.66 0.13 9.72
C TYR A 181 -1.16 -0.16 9.79
N ILE A 182 -0.76 -1.30 10.37
CA ILE A 182 0.66 -1.56 10.66
C ILE A 182 1.55 -2.29 9.65
N CYS A 183 0.99 -3.08 8.76
CA CYS A 183 1.82 -3.99 7.97
C CYS A 183 2.05 -3.39 6.59
N SER A 184 3.15 -3.74 5.92
CA SER A 184 3.47 -3.22 4.58
C SER A 184 2.70 -3.92 3.46
N ARG A 185 2.66 -3.26 2.30
CA ARG A 185 1.61 -3.42 1.24
C ARG A 185 1.28 -4.90 1.00
N TYR A 186 2.20 -5.68 0.44
CA TYR A 186 1.88 -7.02 -0.12
C TYR A 186 1.69 -8.09 0.98
N TYR A 187 2.05 -7.78 2.23
CA TYR A 187 2.31 -8.78 3.31
C TYR A 187 1.27 -8.66 4.42
N ARG A 188 0.17 -7.92 4.18
CA ARG A 188 -0.89 -7.67 5.19
C ARG A 188 -1.86 -8.86 5.18
N ALA A 189 -2.16 -9.37 6.38
CA ALA A 189 -3.14 -10.42 6.55
C ALA A 189 -4.53 -9.86 6.25
N PRO A 190 -5.45 -10.67 5.68
CA PRO A 190 -6.80 -10.22 5.36
C PRO A 190 -7.50 -9.47 6.50
N GLU A 191 -7.33 -9.92 7.74
CA GLU A 191 -7.95 -9.27 8.88
C GLU A 191 -7.47 -7.82 9.03
N LEU A 192 -6.21 -7.57 8.68
CA LEU A 192 -5.65 -6.23 8.70
C LEU A 192 -6.24 -5.34 7.59
N ILE A 193 -6.45 -5.94 6.41
CA ILE A 193 -7.09 -5.27 5.28
C ILE A 193 -8.52 -4.88 5.66
N PHE A 194 -9.24 -5.82 6.30
CA PHE A 194 -10.58 -5.60 6.83
C PHE A 194 -10.62 -4.72 8.09
N GLY A 195 -9.47 -4.15 8.46
CA GLY A 195 -9.40 -3.15 9.53
C GLY A 195 -9.65 -3.65 10.95
N ALA A 196 -9.54 -4.97 11.15
CA ALA A 196 -9.68 -5.60 12.45
C ALA A 196 -8.64 -5.04 13.41
N THR A 197 -9.06 -4.86 14.66
CA THR A 197 -8.19 -4.36 15.74
C THR A 197 -7.97 -5.39 16.85
N ASP A 198 -8.52 -6.61 16.66
CA ASP A 198 -8.45 -7.71 17.62
C ASP A 198 -7.56 -8.85 17.08
N TYR A 199 -6.70 -8.53 16.12
CA TYR A 199 -5.76 -9.49 15.47
C TYR A 199 -4.78 -10.02 16.52
N THR A 200 -4.16 -11.17 16.20
CA THR A 200 -3.16 -11.83 17.05
C THR A 200 -1.87 -11.93 16.27
N SER A 201 -0.88 -12.61 16.86
CA SER A 201 0.43 -12.79 16.24
C SER A 201 0.40 -13.59 14.95
N SER A 202 -0.75 -14.17 14.61
CA SER A 202 -0.91 -14.89 13.37
C SER A 202 -0.70 -14.00 12.14
N ILE A 203 -0.79 -12.68 12.31
CA ILE A 203 -0.53 -11.76 11.19
C ILE A 203 0.90 -11.92 10.67
N ASP A 204 1.85 -12.14 11.58
CA ASP A 204 3.23 -12.45 11.22
C ASP A 204 3.34 -13.74 10.41
N VAL A 205 2.51 -14.73 10.75
CA VAL A 205 2.54 -16.02 10.06
C VAL A 205 2.06 -15.86 8.62
N TRP A 206 1.00 -15.08 8.43
CA TRP A 206 0.50 -14.71 7.10
C TRP A 206 1.62 -14.01 6.29
N SER A 207 2.21 -12.98 6.89
CA SER A 207 3.28 -12.22 6.28
C SER A 207 4.41 -13.15 5.83
N ALA A 208 4.88 -14.01 6.75
CA ALA A 208 5.91 -15.01 6.46
C ALA A 208 5.53 -15.87 5.26
N GLY A 209 4.29 -16.36 5.26
CA GLY A 209 3.75 -17.11 4.14
C GLY A 209 3.83 -16.37 2.81
N CYS A 210 3.61 -15.06 2.84
CA CYS A 210 3.73 -14.21 1.66
C CYS A 210 5.18 -14.14 1.19
N VAL A 211 6.12 -14.13 2.13
CA VAL A 211 7.54 -14.19 1.78
C VAL A 211 7.91 -15.54 1.16
N LEU A 212 7.44 -16.64 1.76
CA LEU A 212 7.71 -17.96 1.22
C LEU A 212 7.23 -18.02 -0.23
N ALA A 213 5.94 -17.80 -0.44
CA ALA A 213 5.33 -17.86 -1.77
C ALA A 213 6.08 -16.98 -2.78
N GLU A 214 6.55 -15.81 -2.32
CA GLU A 214 7.27 -14.85 -3.16
C GLU A 214 8.61 -15.39 -3.64
N LEU A 215 9.38 -15.99 -2.71
CA LEU A 215 10.65 -16.63 -3.03
C LEU A 215 10.46 -17.80 -4.01
N LEU A 216 9.33 -18.50 -3.89
CA LEU A 216 8.97 -19.57 -4.82
C LEU A 216 8.53 -19.04 -6.18
N LEU A 217 7.68 -18.01 -6.20
CA LEU A 217 7.17 -17.42 -7.45
C LEU A 217 8.16 -16.55 -8.19
N GLY A 218 9.04 -15.87 -7.44
CA GLY A 218 9.94 -14.87 -7.98
C GLY A 218 9.26 -13.52 -8.15
N GLN A 219 8.11 -13.35 -7.47
CA GLN A 219 7.40 -12.07 -7.42
C GLN A 219 6.31 -12.12 -6.35
N PRO A 220 5.88 -10.96 -5.81
CA PRO A 220 4.85 -10.93 -4.76
C PRO A 220 3.58 -11.70 -5.16
N ILE A 221 3.01 -12.45 -4.22
CA ILE A 221 1.89 -13.33 -4.52
C ILE A 221 0.56 -12.59 -4.54
N PHE A 222 0.39 -11.62 -3.62
CA PHE A 222 -0.84 -10.83 -3.49
C PHE A 222 -0.60 -9.33 -3.68
N PRO A 223 -0.24 -8.88 -4.90
CA PRO A 223 0.05 -7.47 -5.15
C PRO A 223 -1.24 -6.63 -5.31
N GLY A 224 -1.07 -5.30 -5.37
CA GLY A 224 -2.18 -4.37 -5.53
C GLY A 224 -1.93 -3.10 -4.74
N ASP A 225 -2.31 -1.96 -5.31
CA ASP A 225 -2.10 -0.66 -4.69
C ASP A 225 -3.18 -0.28 -3.69
N SER A 226 -4.32 -0.98 -3.75
CA SER A 226 -5.40 -0.85 -2.78
C SER A 226 -5.67 -2.20 -2.10
N GLY A 227 -6.36 -2.15 -0.95
CA GLY A 227 -6.86 -3.33 -0.27
C GLY A 227 -7.77 -4.14 -1.17
N VAL A 228 -8.70 -3.45 -1.83
CA VAL A 228 -9.58 -4.04 -2.83
C VAL A 228 -8.80 -4.92 -3.79
N ASP A 229 -7.73 -4.34 -4.35
CA ASP A 229 -6.93 -5.02 -5.36
C ASP A 229 -6.20 -6.23 -4.76
N GLN A 230 -5.76 -6.09 -3.52
CA GLN A 230 -5.08 -7.15 -2.79
C GLN A 230 -6.03 -8.31 -2.51
N LEU A 231 -7.16 -8.02 -1.88
CA LEU A 231 -8.20 -9.01 -1.58
C LEU A 231 -8.67 -9.79 -2.80
N VAL A 232 -8.63 -9.16 -3.98
CA VAL A 232 -8.99 -9.82 -5.22
C VAL A 232 -7.96 -10.89 -5.58
N GLU A 233 -6.68 -10.52 -5.48
CA GLU A 233 -5.57 -11.42 -5.79
C GLU A 233 -5.55 -12.61 -4.83
N ILE A 234 -5.98 -12.36 -3.58
CA ILE A 234 -6.10 -13.37 -2.54
C ILE A 234 -7.22 -14.34 -2.87
N ILE A 235 -8.41 -13.80 -3.13
CA ILE A 235 -9.59 -14.59 -3.46
C ILE A 235 -9.35 -15.44 -4.72
N LYS A 236 -8.57 -14.91 -5.67
CA LYS A 236 -8.19 -15.66 -6.86
C LYS A 236 -7.45 -16.95 -6.53
N VAL A 237 -6.74 -16.97 -5.39
CA VAL A 237 -5.96 -18.11 -4.96
C VAL A 237 -6.72 -18.95 -3.95
N LEU A 238 -7.12 -18.34 -2.83
CA LEU A 238 -7.80 -19.03 -1.74
C LEU A 238 -9.27 -19.35 -2.02
N GLY A 239 -9.86 -18.59 -2.94
CA GLY A 239 -11.30 -18.66 -3.18
C GLY A 239 -12.02 -17.65 -2.30
N THR A 240 -13.34 -17.58 -2.44
CA THR A 240 -14.14 -16.58 -1.75
C THR A 240 -14.36 -17.00 -0.31
N PRO A 241 -14.07 -16.14 0.68
CA PRO A 241 -14.22 -16.51 2.09
C PRO A 241 -15.70 -16.71 2.47
N THR A 242 -15.99 -17.83 3.14
CA THR A 242 -17.31 -18.10 3.71
C THR A 242 -17.64 -17.00 4.74
N ARG A 243 -18.93 -16.83 5.03
CA ARG A 243 -19.44 -15.89 6.06
C ARG A 243 -18.77 -16.24 7.40
N GLU A 244 -18.53 -17.53 7.65
CA GLU A 244 -17.80 -18.01 8.81
C GLU A 244 -16.39 -17.40 8.82
N GLN A 245 -15.62 -17.68 7.77
CA GLN A 245 -14.26 -17.17 7.62
C GLN A 245 -14.22 -15.64 7.81
N ILE A 246 -15.18 -14.95 7.19
CA ILE A 246 -15.28 -13.49 7.25
C ILE A 246 -15.40 -12.94 8.68
N ARG A 247 -16.24 -13.59 9.50
CA ARG A 247 -16.51 -13.17 10.90
C ARG A 247 -15.29 -13.51 11.76
N GLU A 248 -14.56 -14.59 11.42
CA GLU A 248 -13.32 -14.98 12.09
C GLU A 248 -12.21 -13.94 11.92
N MET A 249 -12.05 -13.46 10.67
CA MET A 249 -11.06 -12.43 10.31
C MET A 249 -11.38 -11.09 10.97
N ASN A 250 -12.62 -10.63 10.77
CA ASN A 250 -13.08 -9.37 11.30
C ASN A 250 -14.55 -9.45 11.69
N PRO A 251 -14.86 -9.46 13.02
CA PRO A 251 -16.25 -9.42 13.49
C PRO A 251 -16.97 -8.12 13.11
N ASN A 252 -16.31 -6.96 13.27
CA ASN A 252 -16.89 -5.66 12.85
C ASN A 252 -17.15 -5.55 11.35
N TYR A 253 -17.91 -6.52 10.82
CA TYR A 253 -18.43 -6.58 9.44
C TYR A 253 -18.37 -5.19 8.80
N THR A 254 -17.30 -4.91 8.04
CA THR A 254 -17.20 -3.66 7.26
C THR A 254 -18.30 -3.66 6.20
N GLU A 255 -18.67 -4.86 5.72
CA GLU A 255 -19.97 -5.15 5.11
C GLU A 255 -19.99 -4.92 3.61
N PHE A 256 -19.61 -5.96 2.84
CA PHE A 256 -19.94 -6.10 1.41
C PHE A 256 -19.52 -7.44 0.77
N LYS A 257 -20.31 -7.85 -0.24
CA LYS A 257 -20.14 -9.10 -0.99
C LYS A 257 -18.93 -9.05 -1.94
N PHE A 258 -18.43 -10.23 -2.32
CA PHE A 258 -17.23 -10.40 -3.15
C PHE A 258 -17.61 -11.25 -4.36
N PRO A 259 -16.87 -11.17 -5.50
CA PRO A 259 -17.12 -12.05 -6.64
C PRO A 259 -16.88 -13.53 -6.30
N GLN A 260 -17.93 -14.37 -6.42
CA GLN A 260 -17.85 -15.80 -6.09
C GLN A 260 -16.91 -16.54 -7.05
N ILE A 261 -15.63 -16.62 -6.66
CA ILE A 261 -14.60 -17.36 -7.39
C ILE A 261 -14.13 -18.53 -6.51
N LYS A 262 -14.00 -19.72 -7.12
CA LYS A 262 -13.54 -20.90 -6.41
C LYS A 262 -12.01 -20.95 -6.40
N ALA A 263 -11.45 -21.76 -5.50
CA ALA A 263 -10.01 -21.81 -5.22
C ALA A 263 -9.20 -22.41 -6.38
N HIS A 264 -8.38 -21.58 -7.03
CA HIS A 264 -7.46 -22.00 -8.07
C HIS A 264 -6.42 -22.91 -7.41
N PRO A 265 -6.35 -24.21 -7.79
CA PRO A 265 -5.57 -25.20 -7.03
C PRO A 265 -4.12 -24.73 -6.82
N TRP A 266 -3.70 -24.69 -5.55
CA TRP A 266 -2.38 -24.27 -5.13
C TRP A 266 -1.22 -24.83 -5.99
N THR A 267 -1.39 -26.04 -6.55
CA THR A 267 -0.38 -26.67 -7.41
C THR A 267 -0.18 -25.88 -8.69
N LYS A 268 -1.28 -25.36 -9.25
CA LYS A 268 -1.28 -24.60 -10.49
C LYS A 268 -0.83 -23.13 -10.32
N VAL A 269 -0.60 -22.71 -9.07
CA VAL A 269 -0.06 -21.39 -8.73
C VAL A 269 1.43 -21.27 -9.03
N PHE A 270 2.18 -22.36 -8.81
CA PHE A 270 3.65 -22.32 -8.89
C PHE A 270 4.19 -23.05 -10.12
N ARG A 271 5.48 -22.85 -10.38
CA ARG A 271 6.29 -23.56 -11.41
C ARG A 271 6.00 -25.06 -11.34
N PRO A 272 6.18 -25.83 -12.43
CA PRO A 272 5.90 -27.27 -12.42
C PRO A 272 6.76 -28.08 -11.45
N ARG A 273 8.04 -27.72 -11.27
CA ARG A 273 9.04 -28.52 -10.49
C ARG A 273 9.02 -28.10 -9.01
N THR A 274 8.15 -27.17 -8.62
CA THR A 274 8.04 -26.70 -7.23
C THR A 274 7.73 -27.87 -6.30
N PRO A 275 8.56 -28.11 -5.25
CA PRO A 275 8.31 -29.19 -4.29
C PRO A 275 6.90 -29.16 -3.70
N PRO A 276 6.15 -30.29 -3.75
CA PRO A 276 4.79 -30.36 -3.20
C PRO A 276 4.68 -29.95 -1.72
N GLU A 277 5.77 -30.10 -0.96
CA GLU A 277 5.79 -29.77 0.48
C GLU A 277 5.79 -28.26 0.69
N ALA A 278 6.51 -27.53 -0.18
CA ALA A 278 6.56 -26.07 -0.16
C ALA A 278 5.16 -25.50 -0.36
N ILE A 279 4.45 -26.08 -1.33
CA ILE A 279 3.07 -25.71 -1.63
C ILE A 279 2.16 -26.00 -0.44
N ALA A 280 2.31 -27.20 0.13
CA ALA A 280 1.56 -27.63 1.31
C ALA A 280 1.72 -26.63 2.44
N LEU A 281 2.97 -26.25 2.72
CA LEU A 281 3.29 -25.28 3.76
C LEU A 281 2.61 -23.93 3.51
N CYS A 282 2.67 -23.43 2.26
CA CYS A 282 2.00 -22.17 1.89
C CYS A 282 0.53 -22.17 2.28
N SER A 283 -0.17 -23.23 1.88
CA SER A 283 -1.61 -23.35 2.09
C SER A 283 -2.02 -23.41 3.55
N ARG A 284 -1.08 -23.78 4.43
CA ARG A 284 -1.30 -23.91 5.90
C ARG A 284 -0.88 -22.61 6.61
N LEU A 285 -0.12 -21.75 5.94
CA LEU A 285 0.21 -20.41 6.43
C LEU A 285 -0.80 -19.38 5.94
N LEU A 286 -1.14 -19.44 4.63
CA LEU A 286 -2.05 -18.50 4.00
C LEU A 286 -3.49 -19.01 4.07
N GLU A 287 -4.04 -18.99 5.29
CA GLU A 287 -5.43 -19.36 5.59
C GLU A 287 -6.14 -18.09 6.02
N TYR A 288 -7.40 -17.96 5.62
CA TYR A 288 -8.28 -16.82 6.00
C TYR A 288 -8.39 -16.77 7.53
N THR A 289 -8.82 -17.88 8.14
CA THR A 289 -9.02 -17.95 9.58
C THR A 289 -7.71 -17.84 10.35
N PRO A 290 -7.48 -16.76 11.12
CA PRO A 290 -6.23 -16.58 11.85
C PRO A 290 -5.78 -17.79 12.67
N THR A 291 -6.73 -18.42 13.38
CA THR A 291 -6.46 -19.54 14.29
C THR A 291 -6.14 -20.85 13.56
N ALA A 292 -6.49 -20.95 12.28
CA ALA A 292 -6.23 -22.14 11.46
C ALA A 292 -4.84 -22.20 10.86
N ARG A 293 -4.08 -21.10 10.98
CA ARG A 293 -2.70 -20.99 10.44
C ARG A 293 -1.77 -21.75 11.38
N LEU A 294 -0.67 -22.31 10.86
CA LEU A 294 0.35 -22.93 11.69
C LEU A 294 0.89 -21.89 12.66
N THR A 295 1.40 -22.34 13.79
CA THR A 295 2.20 -21.49 14.66
C THR A 295 3.60 -21.48 14.04
N PRO A 296 4.45 -20.47 14.34
CA PRO A 296 5.82 -20.46 13.85
C PRO A 296 6.51 -21.81 14.07
N LEU A 297 6.38 -22.35 15.29
CA LEU A 297 7.05 -23.57 15.72
C LEU A 297 6.55 -24.82 14.99
N GLU A 298 5.24 -24.88 14.74
CA GLU A 298 4.63 -25.93 13.94
C GLU A 298 5.15 -25.88 12.51
N ALA A 299 5.51 -24.68 12.04
CA ALA A 299 6.00 -24.46 10.68
C ALA A 299 7.42 -24.96 10.55
N CYS A 300 8.25 -24.65 11.55
CA CYS A 300 9.61 -25.19 11.66
C CYS A 300 9.60 -26.73 11.53
N ALA A 301 8.61 -27.37 12.17
CA ALA A 301 8.44 -28.82 12.17
C ALA A 301 7.80 -29.40 10.91
N HIS A 302 7.48 -28.54 9.94
CA HIS A 302 6.79 -28.96 8.72
C HIS A 302 7.74 -29.80 7.86
N SER A 303 7.16 -30.76 7.13
CA SER A 303 7.93 -31.66 6.26
C SER A 303 8.83 -30.93 5.27
N PHE A 304 8.39 -29.76 4.79
CA PHE A 304 9.17 -28.93 3.87
C PHE A 304 10.61 -28.71 4.36
N PHE A 305 10.79 -28.64 5.68
CA PHE A 305 12.10 -28.41 6.28
C PHE A 305 12.88 -29.69 6.67
N ASP A 306 12.39 -30.87 6.24
CA ASP A 306 13.05 -32.16 6.55
C ASP A 306 14.50 -32.20 6.11
N GLU A 307 14.78 -31.78 4.87
CA GLU A 307 16.14 -31.73 4.35
C GLU A 307 17.12 -31.06 5.33
N LEU A 308 16.66 -30.04 6.07
CA LEU A 308 17.51 -29.31 7.00
C LEU A 308 17.89 -30.15 8.23
N ARG A 309 17.07 -31.16 8.53
CA ARG A 309 17.22 -32.07 9.70
C ARG A 309 18.03 -33.31 9.32
N ASP A 310 18.38 -33.46 8.04
CA ASP A 310 19.31 -34.48 7.59
C ASP A 310 20.69 -34.18 8.15
N PRO A 311 21.43 -35.20 8.67
CA PRO A 311 22.78 -34.97 9.21
C PRO A 311 23.81 -34.60 8.12
N ASN A 312 23.59 -35.08 6.89
CA ASN A 312 24.50 -34.82 5.76
C ASN A 312 24.33 -33.48 5.06
N VAL A 313 23.26 -32.76 5.39
CA VAL A 313 22.93 -31.51 4.72
C VAL A 313 24.09 -30.53 4.86
N LYS A 314 24.47 -29.94 3.72
CA LYS A 314 25.46 -28.89 3.67
C LYS A 314 24.95 -27.77 2.76
N LEU A 315 25.53 -26.58 2.93
CA LEU A 315 25.27 -25.45 2.05
C LEU A 315 25.92 -25.76 0.70
N PRO A 316 25.39 -25.24 -0.43
CA PRO A 316 26.00 -25.43 -1.75
C PRO A 316 27.48 -25.01 -1.84
N ASN A 317 27.90 -24.04 -1.02
CA ASN A 317 29.31 -23.62 -0.93
C ASN A 317 30.20 -24.57 -0.11
N GLY A 318 29.65 -25.70 0.34
CA GLY A 318 30.37 -26.76 1.02
C GLY A 318 30.44 -26.64 2.54
N ARG A 319 30.15 -25.43 3.05
CA ARG A 319 30.19 -25.10 4.50
C ARG A 319 28.99 -25.74 5.20
N ASP A 320 29.06 -25.83 6.54
CA ASP A 320 27.97 -26.35 7.35
C ASP A 320 26.82 -25.36 7.34
N THR A 321 25.59 -25.88 7.51
CA THR A 321 24.43 -25.04 7.74
C THR A 321 24.60 -24.45 9.14
N PRO A 322 24.00 -23.28 9.44
CA PRO A 322 24.05 -22.72 10.79
C PRO A 322 23.28 -23.60 11.79
N ALA A 323 23.43 -23.31 13.09
CA ALA A 323 22.79 -24.09 14.15
C ALA A 323 21.27 -23.96 14.13
N LEU A 324 20.58 -24.99 13.65
CA LEU A 324 19.14 -24.98 13.52
C LEU A 324 18.35 -25.63 14.65
N PHE A 325 19.04 -26.25 15.60
CA PHE A 325 18.40 -27.20 16.54
C PHE A 325 18.53 -26.89 18.03
N ASN A 326 19.36 -25.90 18.37
CA ASN A 326 19.59 -25.51 19.75
C ASN A 326 18.45 -24.71 20.37
N PHE A 327 17.23 -25.24 20.29
CA PHE A 327 16.06 -24.59 20.85
C PHE A 327 16.19 -24.46 22.36
N THR A 328 15.84 -23.28 22.90
CA THR A 328 15.67 -23.07 24.33
C THR A 328 14.29 -23.53 24.78
N THR A 329 14.09 -23.58 26.10
CA THR A 329 12.78 -23.93 26.66
C THR A 329 11.79 -22.83 26.31
N GLN A 330 12.28 -21.58 26.39
CA GLN A 330 11.54 -20.39 25.95
C GLN A 330 10.97 -20.59 24.53
N GLU A 331 11.86 -20.88 23.57
CA GLU A 331 11.47 -21.11 22.17
C GLU A 331 10.42 -22.21 21.99
N LEU A 332 10.45 -23.21 22.85
CA LEU A 332 9.60 -24.41 22.73
C LEU A 332 8.28 -24.33 23.49
N SER A 333 8.17 -23.39 24.43
CA SER A 333 7.02 -23.26 25.35
C SER A 333 5.67 -23.24 24.65
N SER A 334 5.60 -22.59 23.49
CA SER A 334 4.47 -22.72 22.59
C SER A 334 3.88 -24.14 22.64
N ASN A 335 4.75 -25.16 22.55
CA ASN A 335 4.35 -26.57 22.40
C ASN A 335 5.56 -27.51 22.53
N PRO A 336 6.05 -27.79 23.77
CA PRO A 336 7.30 -28.54 23.97
C PRO A 336 7.38 -29.91 23.29
N PRO A 337 6.32 -30.75 23.30
CA PRO A 337 6.30 -32.00 22.54
C PRO A 337 6.88 -31.97 21.11
N LEU A 338 6.84 -30.82 20.44
CA LEU A 338 7.36 -30.69 19.08
C LEU A 338 8.86 -30.90 18.98
N ALA A 339 9.57 -30.79 20.12
CA ALA A 339 11.01 -31.01 20.18
C ALA A 339 11.39 -32.38 19.61
N THR A 340 10.48 -33.37 19.71
CA THR A 340 10.70 -34.70 19.16
C THR A 340 10.88 -34.70 17.64
N ILE A 341 10.31 -33.68 16.97
CA ILE A 341 10.52 -33.46 15.53
C ILE A 341 11.62 -32.43 15.28
N LEU A 342 11.57 -31.31 16.01
CA LEU A 342 12.48 -30.19 15.80
C LEU A 342 13.93 -30.53 16.01
N ILE A 343 14.21 -31.28 17.09
CA ILE A 343 15.56 -31.71 17.42
C ILE A 343 15.76 -33.14 16.91
N PRO A 344 16.52 -33.34 15.80
CA PRO A 344 16.57 -34.63 15.13
C PRO A 344 17.53 -35.57 15.87
N PRO A 345 17.45 -36.90 15.62
CA PRO A 345 18.18 -37.89 16.40
C PRO A 345 19.67 -37.53 16.57
N HIS A 346 20.34 -37.14 15.47
CA HIS A 346 21.78 -36.91 15.44
C HIS A 346 22.26 -35.69 16.22
N ALA A 347 21.30 -34.86 16.65
CA ALA A 347 21.55 -33.66 17.44
C ALA A 347 21.44 -33.92 18.93
N ARG A 348 21.14 -35.18 19.30
CA ARG A 348 20.98 -35.62 20.71
C ARG A 348 22.20 -36.41 21.17
N ILE A 349 23.11 -36.72 20.24
CA ILE A 349 24.33 -37.45 20.51
C ILE A 349 25.18 -36.68 21.55
N GLN A 350 25.75 -37.43 22.50
CA GLN A 350 26.51 -36.90 23.61
C GLN A 350 27.97 -36.70 23.22
N VAL B 2 -12.96 -8.77 -37.87
CA VAL B 2 -14.10 -7.87 -37.49
C VAL B 2 -15.11 -8.63 -36.60
N THR B 3 -15.11 -8.27 -35.30
CA THR B 3 -16.13 -8.72 -34.36
C THR B 3 -17.37 -7.87 -34.58
N THR B 4 -18.54 -8.51 -34.49
CA THR B 4 -19.82 -7.81 -34.51
C THR B 4 -20.68 -8.30 -33.36
N VAL B 5 -21.23 -7.35 -32.61
CA VAL B 5 -22.03 -7.64 -31.44
C VAL B 5 -23.32 -6.81 -31.46
N VAL B 6 -24.27 -7.19 -30.61
CA VAL B 6 -25.46 -6.41 -30.38
C VAL B 6 -25.29 -5.75 -29.03
N ALA B 7 -25.01 -4.44 -29.05
CA ALA B 7 -24.66 -3.68 -27.85
C ALA B 7 -25.69 -2.62 -27.51
N THR B 8 -25.91 -2.43 -26.21
CA THR B 8 -26.82 -1.45 -25.67
C THR B 8 -26.05 -0.15 -25.44
N PRO B 9 -26.54 1.01 -25.95
CA PRO B 9 -25.88 2.29 -25.72
C PRO B 9 -25.92 2.72 -24.25
N GLY B 10 -24.87 3.42 -23.80
CA GLY B 10 -24.69 3.81 -22.42
C GLY B 10 -25.75 4.78 -21.95
N GLN B 11 -26.01 5.81 -22.77
CA GLN B 11 -27.10 6.75 -22.55
C GLN B 11 -28.27 6.36 -23.44
N GLY B 12 -29.43 6.97 -23.18
CA GLY B 12 -30.65 6.71 -23.92
C GLY B 12 -31.38 5.48 -23.39
N PRO B 13 -32.47 5.04 -24.07
CA PRO B 13 -33.23 3.86 -23.64
C PRO B 13 -32.56 2.55 -24.10
N ASP B 14 -32.92 1.42 -23.48
CA ASP B 14 -32.29 0.12 -23.77
C ASP B 14 -32.63 -0.39 -25.16
N ARG B 15 -31.98 0.16 -26.19
CA ARG B 15 -32.24 -0.17 -27.61
C ARG B 15 -30.96 -0.71 -28.25
N PRO B 16 -30.65 -2.02 -28.08
CA PRO B 16 -29.43 -2.59 -28.66
C PRO B 16 -29.38 -2.40 -30.18
N GLN B 17 -28.17 -2.20 -30.70
CA GLN B 17 -27.91 -2.12 -32.13
C GLN B 17 -26.66 -2.91 -32.49
N GLU B 18 -26.55 -3.27 -33.76
CA GLU B 18 -25.43 -4.03 -34.28
C GLU B 18 -24.23 -3.11 -34.35
N VAL B 19 -23.19 -3.42 -33.57
CA VAL B 19 -21.94 -2.67 -33.52
C VAL B 19 -20.79 -3.57 -33.96
N SER B 20 -20.01 -3.11 -34.94
CA SER B 20 -18.89 -3.86 -35.51
C SER B 20 -17.57 -3.13 -35.28
N TYR B 21 -16.59 -3.81 -34.65
CA TYR B 21 -15.27 -3.24 -34.31
C TYR B 21 -14.13 -4.16 -34.78
N THR B 22 -12.97 -3.56 -35.06
CA THR B 22 -11.79 -4.23 -35.61
C THR B 22 -10.53 -3.75 -34.87
N ASP B 23 -9.36 -4.21 -35.35
CA ASP B 23 -8.04 -3.82 -34.81
C ASP B 23 -7.98 -4.02 -33.29
N THR B 24 -8.44 -5.18 -32.84
CA THR B 24 -8.59 -5.46 -31.42
C THR B 24 -7.24 -5.72 -30.76
N LYS B 25 -6.51 -4.63 -30.46
CA LYS B 25 -5.31 -4.66 -29.61
C LYS B 25 -5.62 -5.03 -28.12
N VAL B 26 -4.56 -5.15 -27.31
CA VAL B 26 -4.68 -5.31 -25.87
C VAL B 26 -3.91 -4.19 -25.18
N ILE B 27 -4.36 -3.82 -23.99
CA ILE B 27 -3.68 -2.90 -23.09
C ILE B 27 -3.98 -3.38 -21.67
N GLY B 28 -3.53 -2.58 -20.68
CA GLY B 28 -3.90 -2.74 -19.28
C GLY B 28 -4.14 -4.16 -18.76
N ASN B 29 -5.22 -4.31 -17.98
CA ASN B 29 -5.64 -5.51 -17.25
C ASN B 29 -5.12 -5.55 -15.81
N GLY B 30 -6.01 -5.92 -14.88
CA GLY B 30 -5.74 -5.95 -13.46
C GLY B 30 -6.90 -6.54 -12.68
N SER B 31 -7.19 -5.94 -11.51
CA SER B 31 -8.17 -6.49 -10.54
C SER B 31 -9.66 -6.46 -10.99
N PHE B 32 -9.90 -6.32 -12.30
CA PHE B 32 -11.22 -6.46 -12.91
C PHE B 32 -11.21 -7.58 -13.95
N GLY B 33 -10.19 -7.57 -14.81
CA GLY B 33 -10.09 -8.44 -15.97
C GLY B 33 -9.32 -7.72 -17.07
N VAL B 34 -9.53 -8.15 -18.32
CA VAL B 34 -8.80 -7.66 -19.50
C VAL B 34 -9.34 -6.30 -19.98
N VAL B 35 -8.47 -5.51 -20.62
CA VAL B 35 -8.86 -4.28 -21.31
C VAL B 35 -8.26 -4.25 -22.71
N TYR B 36 -9.12 -4.27 -23.73
CA TYR B 36 -8.75 -4.24 -25.17
C TYR B 36 -8.90 -2.81 -25.70
N GLN B 37 -8.19 -2.49 -26.78
CA GLN B 37 -8.41 -1.30 -27.57
C GLN B 37 -8.97 -1.79 -28.89
N ALA B 38 -9.75 -0.94 -29.59
CA ALA B 38 -10.38 -1.32 -30.85
C ALA B 38 -10.82 -0.11 -31.66
N LYS B 39 -11.09 -0.34 -32.95
CA LYS B 39 -11.59 0.68 -33.87
C LYS B 39 -12.99 0.27 -34.32
N LEU B 40 -13.94 1.21 -34.21
CA LEU B 40 -15.32 1.01 -34.64
C LEU B 40 -15.41 1.14 -36.16
N CYS B 41 -16.05 0.16 -36.82
CA CYS B 41 -16.09 0.10 -38.28
C CYS B 41 -16.84 1.25 -38.94
N ASP B 42 -17.94 1.71 -38.33
CA ASP B 42 -18.73 2.82 -38.88
C ASP B 42 -18.04 4.18 -38.73
N SER B 43 -17.83 4.61 -37.48
CA SER B 43 -17.28 5.92 -37.15
C SER B 43 -15.78 6.05 -37.43
N GLY B 44 -15.06 4.91 -37.44
CA GLY B 44 -13.61 4.88 -37.48
C GLY B 44 -12.90 5.22 -36.17
N GLU B 45 -13.69 5.54 -35.13
CA GLU B 45 -13.16 6.02 -33.86
C GLU B 45 -12.60 4.88 -33.03
N LEU B 46 -11.60 5.20 -32.19
CA LEU B 46 -10.99 4.25 -31.28
C LEU B 46 -11.77 4.19 -29.98
N VAL B 47 -11.82 2.99 -29.37
CA VAL B 47 -12.51 2.74 -28.11
C VAL B 47 -11.76 1.73 -27.27
N ALA B 48 -12.00 1.77 -25.96
CA ALA B 48 -11.42 0.84 -25.03
C ALA B 48 -12.54 -0.05 -24.50
N ILE B 49 -12.31 -1.37 -24.48
CA ILE B 49 -13.29 -2.33 -24.00
C ILE B 49 -12.77 -2.97 -22.73
N LYS B 50 -13.49 -2.77 -21.62
CA LYS B 50 -13.18 -3.31 -20.31
C LYS B 50 -14.09 -4.52 -20.07
N LYS B 51 -13.50 -5.72 -20.09
CA LYS B 51 -14.20 -6.98 -19.90
C LYS B 51 -14.07 -7.44 -18.45
N VAL B 52 -15.19 -7.80 -17.82
CA VAL B 52 -15.23 -8.27 -16.43
C VAL B 52 -16.25 -9.39 -16.25
N LEU B 53 -15.95 -10.32 -15.32
CA LEU B 53 -16.83 -11.44 -14.98
C LEU B 53 -18.14 -10.89 -14.41
N GLN B 54 -19.28 -11.31 -14.96
CA GLN B 54 -20.57 -10.84 -14.48
C GLN B 54 -21.16 -11.79 -13.44
N ASP B 55 -21.62 -11.19 -12.34
CA ASP B 55 -22.02 -11.88 -11.12
C ASP B 55 -23.33 -12.67 -11.19
N LYS B 56 -24.22 -12.30 -12.12
CA LYS B 56 -25.53 -12.93 -12.35
C LYS B 56 -26.54 -12.81 -11.20
N ARG B 57 -26.07 -12.99 -9.95
CA ARG B 57 -26.87 -12.74 -8.71
C ARG B 57 -27.10 -11.23 -8.54
N PHE B 58 -26.07 -10.41 -8.79
CA PHE B 58 -26.14 -8.96 -8.73
C PHE B 58 -25.99 -8.37 -10.14
N LYS B 59 -26.40 -7.11 -10.29
CA LYS B 59 -26.11 -6.32 -11.49
C LYS B 59 -24.89 -5.46 -11.19
N ASN B 60 -24.01 -5.30 -12.19
CA ASN B 60 -22.73 -4.63 -12.05
C ASN B 60 -22.85 -3.15 -11.65
N ARG B 61 -22.24 -2.79 -10.52
CA ARG B 61 -22.35 -1.43 -9.90
C ARG B 61 -21.68 -0.39 -10.81
N GLU B 62 -20.58 -0.76 -11.45
CA GLU B 62 -19.86 0.14 -12.34
C GLU B 62 -20.82 0.56 -13.47
N LEU B 63 -21.40 -0.44 -14.15
CA LEU B 63 -22.38 -0.21 -15.21
C LEU B 63 -23.49 0.71 -14.75
N GLN B 64 -24.13 0.36 -13.63
CA GLN B 64 -25.25 1.10 -13.06
C GLN B 64 -24.88 2.58 -12.86
N ILE B 65 -23.63 2.83 -12.46
CA ILE B 65 -23.14 4.18 -12.23
C ILE B 65 -22.80 4.86 -13.56
N MET B 66 -21.99 4.20 -14.38
CA MET B 66 -21.59 4.73 -15.69
C MET B 66 -22.78 5.24 -16.53
N ARG B 67 -23.90 4.51 -16.48
CA ARG B 67 -25.11 4.80 -17.28
C ARG B 67 -25.76 6.10 -16.82
N LYS B 68 -25.72 6.40 -15.51
CA LYS B 68 -26.27 7.64 -14.95
C LYS B 68 -25.45 8.89 -15.28
N LEU B 69 -24.18 8.69 -15.68
CA LEU B 69 -23.21 9.78 -15.81
C LEU B 69 -23.09 10.28 -17.24
N ASP B 70 -23.17 11.61 -17.38
CA ASP B 70 -22.98 12.30 -18.65
C ASP B 70 -22.34 13.67 -18.36
N HIS B 71 -21.04 13.79 -18.69
CA HIS B 71 -20.22 14.94 -18.32
C HIS B 71 -18.93 14.88 -19.14
N CYS B 72 -18.51 16.04 -19.64
CA CYS B 72 -17.39 16.19 -20.57
CA CYS B 72 -17.41 16.05 -20.61
C CYS B 72 -16.03 15.87 -19.94
N ASN B 73 -16.00 15.84 -18.60
CA ASN B 73 -14.81 15.49 -17.82
C ASN B 73 -14.85 14.08 -17.18
N ILE B 74 -15.63 13.18 -17.78
CA ILE B 74 -15.77 11.80 -17.34
C ILE B 74 -15.86 10.90 -18.58
N VAL B 75 -15.08 9.81 -18.62
CA VAL B 75 -15.12 8.92 -19.78
C VAL B 75 -16.54 8.52 -20.06
N ARG B 76 -16.87 8.44 -21.36
CA ARG B 76 -18.23 8.11 -21.85
C ARG B 76 -18.31 6.59 -22.08
N LEU B 77 -19.36 5.97 -21.54
CA LEU B 77 -19.74 4.62 -21.88
C LEU B 77 -20.55 4.68 -23.18
N ARG B 78 -19.88 4.37 -24.31
CA ARG B 78 -20.49 4.39 -25.67
C ARG B 78 -21.56 3.29 -25.76
N TYR B 79 -21.18 2.06 -25.43
CA TYR B 79 -22.05 0.87 -25.41
C TYR B 79 -21.65 -0.05 -24.26
N PHE B 80 -22.44 -1.11 -24.06
CA PHE B 80 -22.02 -2.27 -23.31
C PHE B 80 -22.71 -3.48 -23.90
N PHE B 81 -22.04 -4.63 -23.82
CA PHE B 81 -22.55 -5.89 -24.33
C PHE B 81 -21.97 -7.05 -23.54
N TYR B 82 -22.70 -8.16 -23.51
CA TYR B 82 -22.34 -9.39 -22.75
C TYR B 82 -21.77 -10.43 -23.71
N SER B 83 -20.78 -11.20 -23.24
CA SER B 83 -20.16 -12.26 -24.04
C SER B 83 -19.60 -13.37 -23.14
N SER B 84 -18.93 -14.36 -23.76
CA SER B 84 -18.26 -15.43 -23.03
C SER B 84 -17.11 -16.04 -23.87
N GLY B 85 -17.36 -17.20 -24.49
CA GLY B 85 -16.35 -17.92 -25.24
C GLY B 85 -15.66 -18.99 -24.39
N GLU B 86 -14.41 -18.72 -23.98
CA GLU B 86 -13.60 -19.65 -23.18
C GLU B 86 -14.20 -19.92 -21.79
N LYS B 87 -14.06 -21.18 -21.35
CA LYS B 87 -14.52 -21.67 -20.03
C LYS B 87 -15.96 -22.21 -20.06
N LYS B 88 -16.94 -21.32 -20.27
CA LYS B 88 -18.38 -21.58 -20.22
C LYS B 88 -19.03 -21.50 -18.83
N ASP B 89 -20.34 -21.21 -18.85
CA ASP B 89 -21.12 -20.86 -17.65
C ASP B 89 -20.72 -19.50 -17.04
N GLU B 90 -19.76 -18.82 -17.69
CA GLU B 90 -19.21 -17.54 -17.23
C GLU B 90 -19.55 -16.49 -18.28
N VAL B 91 -20.31 -15.49 -17.85
CA VAL B 91 -20.75 -14.40 -18.70
C VAL B 91 -19.91 -13.17 -18.37
N TYR B 92 -19.37 -12.54 -19.42
CA TYR B 92 -18.51 -11.33 -19.35
C TYR B 92 -19.32 -10.09 -19.75
N LEU B 93 -19.30 -9.07 -18.89
CA LEU B 93 -19.82 -7.73 -19.19
C LEU B 93 -18.69 -6.94 -19.83
N ASN B 94 -18.90 -6.52 -21.09
CA ASN B 94 -17.95 -5.68 -21.79
C ASN B 94 -18.45 -4.24 -21.81
N LEU B 95 -17.61 -3.32 -21.31
CA LEU B 95 -17.88 -1.89 -21.32
C LEU B 95 -17.06 -1.23 -22.42
N VAL B 96 -17.74 -0.67 -23.42
CA VAL B 96 -17.09 0.06 -24.50
C VAL B 96 -17.01 1.53 -24.11
N LEU B 97 -15.79 2.04 -23.99
CA LEU B 97 -15.53 3.38 -23.53
C LEU B 97 -14.74 4.13 -24.59
N ASP B 98 -14.87 5.46 -24.59
CA ASP B 98 -14.05 6.33 -25.42
C ASP B 98 -12.60 6.08 -25.06
N TYR B 99 -11.76 5.90 -26.10
CA TYR B 99 -10.29 5.77 -25.95
C TYR B 99 -9.66 7.15 -25.72
N VAL B 100 -8.82 7.26 -24.70
CA VAL B 100 -8.10 8.48 -24.39
C VAL B 100 -6.64 8.09 -24.18
N PRO B 101 -5.72 8.61 -25.04
CA PRO B 101 -4.38 8.03 -25.16
C PRO B 101 -3.53 8.10 -23.88
N GLU B 102 -3.40 9.30 -23.30
CA GLU B 102 -2.49 9.56 -22.18
C GLU B 102 -3.21 9.60 -20.84
N THR B 103 -2.41 9.66 -19.76
CA THR B 103 -2.90 9.78 -18.40
C THR B 103 -2.02 10.77 -17.66
N VAL B 104 -2.55 11.39 -16.61
CA VAL B 104 -1.77 12.31 -15.80
C VAL B 104 -0.53 11.60 -15.27
N TYR B 105 -0.67 10.31 -14.96
CA TYR B 105 0.44 9.46 -14.44
C TYR B 105 1.62 9.47 -15.41
N ARG B 106 1.37 9.11 -16.66
CA ARG B 106 2.39 9.00 -17.74
C ARG B 106 3.03 10.38 -17.98
N VAL B 107 2.19 11.41 -18.15
CA VAL B 107 2.66 12.78 -18.36
C VAL B 107 3.53 13.22 -17.20
N ALA B 108 3.00 13.16 -15.98
CA ALA B 108 3.72 13.57 -14.79
C ALA B 108 5.11 12.94 -14.75
N ARG B 109 5.16 11.63 -15.06
CA ARG B 109 6.38 10.80 -14.98
C ARG B 109 7.37 11.21 -16.08
N HIS B 110 6.89 11.59 -17.27
CA HIS B 110 7.77 12.10 -18.33
C HIS B 110 8.54 13.32 -17.85
N TYR B 111 7.84 14.25 -17.22
CA TYR B 111 8.44 15.49 -16.65
C TYR B 111 9.38 15.11 -15.51
N SER B 112 8.99 14.13 -14.69
CA SER B 112 9.76 13.74 -13.51
C SER B 112 11.13 13.12 -13.88
N ARG B 113 11.11 12.18 -14.84
CA ARG B 113 12.33 11.55 -15.43
C ARG B 113 13.26 12.62 -15.99
N ALA B 114 12.70 13.56 -16.77
CA ALA B 114 13.48 14.63 -17.40
C ALA B 114 13.83 15.79 -16.45
N LYS B 115 13.65 15.57 -15.13
CA LYS B 115 13.97 16.55 -14.09
C LYS B 115 13.22 17.91 -14.20
N GLN B 116 12.11 17.92 -14.93
CA GLN B 116 11.23 19.07 -15.10
C GLN B 116 10.03 18.97 -14.14
N THR B 117 9.34 20.10 -13.96
CA THR B 117 7.97 20.09 -13.45
C THR B 117 7.02 20.47 -14.57
N LEU B 118 5.80 19.93 -14.49
CA LEU B 118 4.74 20.25 -15.43
C LEU B 118 4.46 21.74 -15.30
N PRO B 119 4.42 22.49 -16.42
CA PRO B 119 4.05 23.91 -16.38
C PRO B 119 2.73 24.13 -15.62
N VAL B 120 2.72 25.12 -14.72
CA VAL B 120 1.57 25.41 -13.87
C VAL B 120 0.25 25.53 -14.65
N ILE B 121 0.32 26.03 -15.90
CA ILE B 121 -0.87 26.18 -16.72
C ILE B 121 -1.62 24.85 -16.83
N TYR B 122 -0.88 23.77 -17.08
CA TYR B 122 -1.41 22.39 -17.20
C TYR B 122 -1.88 21.87 -15.83
N VAL B 123 -1.18 22.22 -14.76
CA VAL B 123 -1.60 21.87 -13.41
C VAL B 123 -3.00 22.43 -13.15
N LYS B 124 -3.17 23.73 -13.45
CA LYS B 124 -4.45 24.42 -13.35
C LYS B 124 -5.53 23.75 -14.19
N LEU B 125 -5.27 23.58 -15.48
CA LEU B 125 -6.22 22.97 -16.39
C LEU B 125 -6.69 21.59 -15.91
N TYR B 126 -5.73 20.71 -15.59
CA TYR B 126 -5.99 19.31 -15.19
C TYR B 126 -6.74 19.30 -13.86
N MET B 127 -6.24 20.04 -12.87
CA MET B 127 -6.85 20.04 -11.55
C MET B 127 -8.29 20.57 -11.55
N TYR B 128 -8.53 21.66 -12.27
CA TYR B 128 -9.87 22.30 -12.42
C TYR B 128 -10.86 21.27 -12.98
N GLN B 129 -10.48 20.58 -14.05
CA GLN B 129 -11.35 19.59 -14.69
C GLN B 129 -11.64 18.38 -13.82
N LEU B 130 -10.67 17.99 -12.99
CA LEU B 130 -10.87 16.90 -12.03
C LEU B 130 -11.94 17.33 -11.04
N PHE B 131 -11.77 18.52 -10.45
CA PHE B 131 -12.71 19.08 -9.49
C PHE B 131 -14.11 19.25 -10.07
N ARG B 132 -14.22 19.59 -11.35
CA ARG B 132 -15.53 19.65 -12.04
C ARG B 132 -16.15 18.24 -12.01
N SER B 133 -15.41 17.22 -12.48
CA SER B 133 -15.93 15.86 -12.51
C SER B 133 -16.34 15.40 -11.09
N LEU B 134 -15.58 15.81 -10.08
CA LEU B 134 -15.92 15.50 -8.70
C LEU B 134 -17.23 16.19 -8.28
N ALA B 135 -17.33 17.50 -8.54
CA ALA B 135 -18.54 18.29 -8.25
C ALA B 135 -19.77 17.61 -8.82
N TYR B 136 -19.66 17.15 -10.08
CA TYR B 136 -20.73 16.43 -10.82
C TYR B 136 -21.10 15.13 -10.11
N ILE B 137 -20.19 14.16 -10.02
CA ILE B 137 -20.51 12.86 -9.41
C ILE B 137 -20.96 13.01 -7.95
N HIS B 138 -20.30 13.90 -7.19
CA HIS B 138 -20.67 14.13 -5.80
C HIS B 138 -22.09 14.66 -5.66
N SER B 139 -22.55 15.43 -6.65
CA SER B 139 -23.91 15.96 -6.67
C SER B 139 -24.96 14.83 -6.69
N PHE B 140 -24.61 13.69 -7.31
CA PHE B 140 -25.42 12.47 -7.25
C PHE B 140 -25.17 11.63 -6.00
N GLY B 141 -24.36 12.15 -5.06
CA GLY B 141 -23.92 11.41 -3.87
C GLY B 141 -23.00 10.22 -4.14
N ILE B 142 -22.36 10.21 -5.31
CA ILE B 142 -21.41 9.18 -5.74
C ILE B 142 -19.96 9.60 -5.43
N CYS B 143 -19.24 8.74 -4.72
CA CYS B 143 -17.83 8.92 -4.38
C CYS B 143 -17.04 7.99 -5.27
N HIS B 144 -15.92 8.49 -5.81
CA HIS B 144 -15.11 7.71 -6.76
C HIS B 144 -14.29 6.67 -5.98
N ARG B 145 -13.60 7.14 -4.93
CA ARG B 145 -12.90 6.31 -3.91
C ARG B 145 -11.59 5.72 -4.46
N ASP B 146 -11.16 6.14 -5.65
CA ASP B 146 -9.86 5.74 -6.17
C ASP B 146 -9.28 6.81 -7.08
N ILE B 147 -9.29 8.05 -6.60
CA ILE B 147 -8.71 9.16 -7.32
C ILE B 147 -7.21 9.00 -7.19
N LYS B 148 -6.54 8.89 -8.35
CA LYS B 148 -5.11 8.84 -8.46
C LYS B 148 -4.73 9.15 -9.91
N PRO B 149 -3.48 9.60 -10.18
CA PRO B 149 -3.06 10.00 -11.53
C PRO B 149 -3.36 9.00 -12.65
N GLN B 150 -3.34 7.69 -12.37
CA GLN B 150 -3.56 6.66 -13.39
C GLN B 150 -5.00 6.67 -13.91
N ASN B 151 -5.91 7.18 -13.09
CA ASN B 151 -7.34 7.28 -13.41
C ASN B 151 -7.77 8.67 -13.94
N LEU B 152 -6.79 9.50 -14.32
CA LEU B 152 -7.02 10.79 -14.92
C LEU B 152 -6.50 10.77 -16.35
N LEU B 153 -7.39 10.54 -17.32
CA LEU B 153 -7.06 10.45 -18.73
C LEU B 153 -6.94 11.83 -19.33
N LEU B 154 -6.03 11.99 -20.30
CA LEU B 154 -5.73 13.26 -20.97
C LEU B 154 -5.72 13.07 -22.47
N ASP B 155 -6.32 14.03 -23.18
CA ASP B 155 -6.07 14.20 -24.60
C ASP B 155 -5.02 15.31 -24.65
N PRO B 156 -3.80 15.04 -25.17
CA PRO B 156 -2.71 16.02 -25.12
C PRO B 156 -2.97 17.26 -26.00
N ASP B 157 -3.67 17.06 -27.13
CA ASP B 157 -3.99 18.14 -28.06
C ASP B 157 -4.98 19.15 -27.47
N THR B 158 -6.11 18.64 -26.96
CA THR B 158 -7.20 19.47 -26.46
C THR B 158 -7.06 19.88 -24.99
N ALA B 159 -6.13 19.23 -24.28
CA ALA B 159 -5.91 19.44 -22.83
C ALA B 159 -7.12 19.06 -21.96
N VAL B 160 -7.98 18.19 -22.50
CA VAL B 160 -9.17 17.73 -21.81
C VAL B 160 -8.79 16.58 -20.89
N LEU B 161 -9.22 16.66 -19.64
CA LEU B 161 -9.04 15.60 -18.66
C LEU B 161 -10.37 14.90 -18.45
N LYS B 162 -10.35 13.56 -18.41
CA LYS B 162 -11.51 12.74 -18.15
C LYS B 162 -11.20 11.76 -17.04
N LEU B 163 -12.00 11.81 -15.96
CA LEU B 163 -11.99 10.84 -14.88
C LEU B 163 -12.50 9.50 -15.38
N CYS B 164 -11.84 8.42 -14.96
CA CYS B 164 -12.19 7.05 -15.36
C CYS B 164 -11.99 6.07 -14.22
N ASP B 165 -12.35 4.80 -14.49
CA ASP B 165 -12.31 3.69 -13.52
C ASP B 165 -13.25 3.90 -12.33
N PHE B 166 -14.53 3.57 -12.54
CA PHE B 166 -15.55 3.68 -11.50
C PHE B 166 -15.82 2.33 -10.82
N GLY B 167 -14.85 1.41 -10.95
CA GLY B 167 -14.90 0.10 -10.31
C GLY B 167 -15.04 0.12 -8.80
N SER B 168 -14.48 1.14 -8.15
CA SER B 168 -14.56 1.35 -6.70
C SER B 168 -15.69 2.30 -6.30
N ALA B 169 -16.29 2.97 -7.30
CA ALA B 169 -17.22 4.08 -7.06
C ALA B 169 -18.48 3.58 -6.42
N LYS B 170 -19.08 4.41 -5.57
CA LYS B 170 -20.27 4.04 -4.83
C LYS B 170 -21.06 5.24 -4.28
N GLN B 171 -22.38 5.09 -4.29
CA GLN B 171 -23.32 5.99 -3.63
C GLN B 171 -23.13 5.91 -2.12
N LEU B 172 -22.67 7.00 -1.51
CA LEU B 172 -22.51 7.08 -0.05
C LEU B 172 -23.73 7.71 0.60
N VAL B 173 -24.51 6.87 1.30
CA VAL B 173 -25.67 7.27 2.07
C VAL B 173 -25.26 7.43 3.53
N ARG B 174 -25.63 8.57 4.15
CA ARG B 174 -25.29 8.87 5.57
C ARG B 174 -25.91 7.79 6.46
N GLY B 175 -25.15 7.27 7.43
CA GLY B 175 -25.59 6.22 8.31
C GLY B 175 -25.28 4.79 7.85
N GLU B 176 -25.24 4.57 6.53
CA GLU B 176 -24.80 3.28 5.96
C GLU B 176 -23.28 3.23 6.00
N PRO B 177 -22.67 2.18 6.59
CA PRO B 177 -21.21 2.10 6.70
C PRO B 177 -20.58 1.55 5.41
N ASN B 178 -19.35 1.96 5.09
CA ASN B 178 -18.65 1.53 3.89
C ASN B 178 -17.25 1.06 4.18
N VAL B 179 -16.74 0.16 3.32
CA VAL B 179 -15.47 -0.51 3.53
C VAL B 179 -14.34 0.50 3.50
N SER B 180 -13.39 0.33 4.43
CA SER B 180 -12.33 1.29 4.65
C SER B 180 -11.07 1.00 3.83
N TYR B 181 -11.09 -0.07 3.03
CA TYR B 181 -9.91 -0.62 2.31
C TYR B 181 -9.97 -0.26 0.82
N ILE B 182 -10.70 0.80 0.47
CA ILE B 182 -10.73 1.31 -0.90
C ILE B 182 -9.64 2.38 -0.94
N CYS B 183 -9.29 2.81 -2.15
CA CYS B 183 -8.36 3.92 -2.36
C CYS B 183 -6.88 3.49 -2.31
N SER B 184 -6.12 3.95 -3.32
CA SER B 184 -4.77 3.46 -3.61
C SER B 184 -3.73 4.15 -2.77
N ARG B 185 -2.54 3.54 -2.71
CA ARG B 185 -1.50 3.71 -1.67
C ARG B 185 -1.34 5.19 -1.25
N TYR B 186 -0.82 6.05 -2.11
CA TYR B 186 -0.34 7.41 -1.71
C TYR B 186 -1.49 8.41 -1.48
N TYR B 187 -2.72 8.04 -1.90
CA TYR B 187 -3.85 8.98 -2.11
C TYR B 187 -4.98 8.73 -1.10
N ARG B 188 -4.71 7.96 -0.04
CA ARG B 188 -5.72 7.59 0.98
C ARG B 188 -5.84 8.71 2.00
N ALA B 189 -7.07 9.13 2.31
CA ALA B 189 -7.33 10.12 3.33
C ALA B 189 -7.03 9.51 4.69
N PRO B 190 -6.55 10.31 5.67
CA PRO B 190 -6.23 9.81 7.01
C PRO B 190 -7.34 8.97 7.64
N GLU B 191 -8.60 9.36 7.46
CA GLU B 191 -9.71 8.62 8.04
C GLU B 191 -9.76 7.20 7.48
N LEU B 192 -9.38 7.03 6.20
CA LEU B 192 -9.32 5.71 5.57
C LEU B 192 -8.18 4.86 6.16
N ILE B 193 -7.04 5.51 6.43
CA ILE B 193 -5.89 4.87 7.05
C ILE B 193 -6.28 4.38 8.45
N PHE B 194 -6.97 5.24 9.21
CA PHE B 194 -7.51 4.92 10.53
C PHE B 194 -8.72 3.97 10.48
N GLY B 195 -9.06 3.47 9.29
CA GLY B 195 -10.06 2.43 9.14
C GLY B 195 -11.52 2.83 9.39
N ALA B 196 -11.79 4.15 9.37
CA ALA B 196 -13.13 4.70 9.47
C ALA B 196 -14.02 4.13 8.39
N THR B 197 -15.28 3.85 8.74
CA THR B 197 -16.30 3.34 7.82
C THR B 197 -17.47 4.31 7.61
N ASP B 198 -17.36 5.51 8.22
CA ASP B 198 -18.38 6.56 8.17
C ASP B 198 -17.90 7.77 7.36
N TYR B 199 -16.90 7.56 6.50
CA TYR B 199 -16.28 8.60 5.64
C TYR B 199 -17.33 9.13 4.65
N THR B 200 -17.06 10.31 4.10
CA THR B 200 -17.91 10.98 3.11
C THR B 200 -17.11 11.20 1.84
N SER B 201 -17.70 11.89 0.88
CA SER B 201 -17.06 12.16 -0.40
C SER B 201 -15.80 13.02 -0.30
N SER B 202 -15.55 13.58 0.88
CA SER B 202 -14.33 14.34 1.11
C SER B 202 -13.06 13.52 0.91
N ILE B 203 -13.16 12.18 0.94
CA ILE B 203 -12.00 11.34 0.68
C ILE B 203 -11.43 11.61 -0.72
N ASP B 204 -12.32 11.81 -1.70
CA ASP B 204 -11.94 12.22 -3.05
C ASP B 204 -11.19 13.56 -3.06
N VAL B 205 -11.62 14.48 -2.20
CA VAL B 205 -11.01 15.81 -2.14
C VAL B 205 -9.58 15.71 -1.62
N TRP B 206 -9.37 14.88 -0.60
CA TRP B 206 -8.03 14.58 -0.08
C TRP B 206 -7.16 13.99 -1.21
N SER B 207 -7.68 12.95 -1.87
CA SER B 207 -6.99 12.30 -2.95
C SER B 207 -6.57 13.32 -4.02
N ALA B 208 -7.54 14.14 -4.46
CA ALA B 208 -7.28 15.21 -5.43
C ALA B 208 -6.15 16.13 -4.98
N GLY B 209 -6.21 16.55 -3.71
CA GLY B 209 -5.15 17.32 -3.10
C GLY B 209 -3.77 16.67 -3.19
N CYS B 210 -3.73 15.34 -3.03
CA CYS B 210 -2.49 14.58 -3.16
C CYS B 210 -1.99 14.59 -4.61
N VAL B 211 -2.91 14.59 -5.59
CA VAL B 211 -2.53 14.75 -6.99
C VAL B 211 -1.98 16.14 -7.27
N LEU B 212 -2.65 17.18 -6.74
CA LEU B 212 -2.19 18.55 -6.95
C LEU B 212 -0.76 18.67 -6.42
N ALA B 213 -0.56 18.38 -5.14
CA ALA B 213 0.74 18.47 -4.49
C ALA B 213 1.81 17.71 -5.25
N GLU B 214 1.45 16.55 -5.81
CA GLU B 214 2.36 15.68 -6.55
C GLU B 214 2.83 16.33 -7.84
N LEU B 215 1.88 16.93 -8.59
CA LEU B 215 2.19 17.65 -9.83
C LEU B 215 3.09 18.87 -9.55
N LEU B 216 2.91 19.50 -8.39
CA LEU B 216 3.76 20.59 -7.93
C LEU B 216 5.16 20.11 -7.50
N LEU B 217 5.21 19.03 -6.71
CA LEU B 217 6.46 18.47 -6.19
C LEU B 217 7.27 17.69 -7.22
N GLY B 218 6.58 17.04 -8.16
CA GLY B 218 7.21 16.13 -9.09
C GLY B 218 7.41 14.74 -8.51
N GLN B 219 6.74 14.47 -7.37
CA GLN B 219 6.72 13.14 -6.76
C GLN B 219 5.66 13.07 -5.67
N PRO B 220 5.17 11.86 -5.31
CA PRO B 220 4.11 11.72 -4.30
C PRO B 220 4.44 12.45 -2.99
N ILE B 221 3.45 13.12 -2.40
CA ILE B 221 3.67 13.95 -1.21
C ILE B 221 3.69 13.14 0.07
N PHE B 222 2.85 12.12 0.17
CA PHE B 222 2.75 11.25 1.34
C PHE B 222 3.01 9.78 1.00
N PRO B 223 4.27 9.42 0.64
CA PRO B 223 4.59 8.03 0.31
C PRO B 223 4.79 7.15 1.57
N GLY B 224 4.92 5.84 1.35
CA GLY B 224 5.06 4.86 2.41
C GLY B 224 4.32 3.60 2.03
N ASP B 225 4.94 2.44 2.34
CA ASP B 225 4.37 1.14 2.01
C ASP B 225 3.40 0.64 3.06
N SER B 226 3.43 1.26 4.24
CA SER B 226 2.45 1.01 5.31
C SER B 226 1.69 2.30 5.65
N GLY B 227 0.54 2.14 6.32
CA GLY B 227 -0.22 3.25 6.86
C GLY B 227 0.60 4.04 7.84
N VAL B 228 1.29 3.33 8.74
CA VAL B 228 2.23 3.91 9.69
C VAL B 228 3.15 4.90 8.98
N ASP B 229 3.77 4.44 7.89
CA ASP B 229 4.75 5.22 7.17
C ASP B 229 4.09 6.43 6.49
N GLN B 230 2.87 6.25 6.00
CA GLN B 230 2.09 7.31 5.36
C GLN B 230 1.72 8.39 6.37
N LEU B 231 1.08 7.98 7.48
CA LEU B 231 0.70 8.90 8.57
C LEU B 231 1.87 9.73 9.10
N VAL B 232 3.07 9.16 9.08
CA VAL B 232 4.26 9.88 9.52
C VAL B 232 4.59 11.01 8.55
N GLU B 233 4.57 10.71 7.25
CA GLU B 233 4.86 11.69 6.20
C GLU B 233 3.83 12.82 6.21
N ILE B 234 2.60 12.49 6.60
CA ILE B 234 1.49 13.43 6.72
C ILE B 234 1.74 14.35 7.91
N ILE B 235 1.98 13.75 9.08
CA ILE B 235 2.24 14.48 10.31
C ILE B 235 3.45 15.42 10.17
N LYS B 236 4.45 15.00 9.39
CA LYS B 236 5.60 15.84 9.10
C LYS B 236 5.21 17.16 8.42
N VAL B 237 4.10 17.14 7.66
CA VAL B 237 3.61 18.30 6.93
C VAL B 237 2.52 19.04 7.70
N LEU B 238 1.44 18.33 8.04
CA LEU B 238 0.28 18.93 8.72
C LEU B 238 0.50 19.15 10.20
N GLY B 239 1.46 18.42 10.78
CA GLY B 239 1.64 18.41 12.22
C GLY B 239 0.81 17.32 12.86
N THR B 240 0.92 17.18 14.18
CA THR B 240 0.27 16.10 14.91
C THR B 240 -1.20 16.45 15.10
N PRO B 241 -2.14 15.55 14.72
CA PRO B 241 -3.57 15.84 14.86
C PRO B 241 -4.00 15.93 16.33
N THR B 242 -4.74 16.98 16.68
CA THR B 242 -5.35 17.13 17.99
C THR B 242 -6.32 15.96 18.23
N ARG B 243 -6.63 15.70 19.50
CA ARG B 243 -7.61 14.68 19.92
C ARG B 243 -8.95 14.97 19.22
N GLU B 244 -9.27 16.26 19.06
CA GLU B 244 -10.45 16.71 18.33
C GLU B 244 -10.38 16.20 16.89
N GLN B 245 -9.33 16.60 16.16
CA GLN B 245 -9.11 16.17 14.78
C GLN B 245 -9.19 14.65 14.63
N ILE B 246 -8.57 13.94 15.58
CA ILE B 246 -8.54 12.47 15.58
C ILE B 246 -9.94 11.84 15.63
N ARG B 247 -10.82 12.37 16.49
CA ARG B 247 -12.20 11.88 16.68
C ARG B 247 -13.05 12.25 15.45
N GLU B 248 -12.75 13.38 14.81
CA GLU B 248 -13.41 13.81 13.57
C GLU B 248 -13.13 12.85 12.41
N MET B 249 -11.87 12.44 12.27
CA MET B 249 -11.42 11.49 11.24
C MET B 249 -12.03 10.10 11.47
N ASN B 250 -11.83 9.58 12.68
CA ASN B 250 -12.30 8.26 13.06
C ASN B 250 -12.71 8.25 14.53
N PRO B 251 -14.02 8.14 14.83
CA PRO B 251 -14.48 8.00 16.22
C PRO B 251 -14.08 6.66 16.87
N ASN B 252 -12.78 6.42 17.08
CA ASN B 252 -12.32 5.15 17.64
C ASN B 252 -10.92 5.17 18.29
N TYR B 253 -9.93 5.72 17.57
CA TYR B 253 -8.49 5.70 17.95
C TYR B 253 -8.08 7.02 18.64
N THR B 254 -8.80 7.43 19.70
CA THR B 254 -8.34 8.53 20.56
C THR B 254 -7.07 8.05 21.29
N GLU B 255 -6.07 8.93 21.32
CA GLU B 255 -4.64 8.61 21.60
C GLU B 255 -4.00 7.63 20.56
N PHE B 256 -3.60 6.43 20.99
CA PHE B 256 -2.86 5.47 20.18
C PHE B 256 -1.66 6.16 19.53
N LYS B 257 -0.61 6.38 20.33
CA LYS B 257 0.72 6.83 19.87
C LYS B 257 0.75 8.29 19.39
N PHE B 258 1.79 8.61 18.58
CA PHE B 258 1.95 9.80 17.74
C PHE B 258 3.07 10.74 18.21
N PRO B 259 4.23 10.79 17.51
CA PRO B 259 5.30 11.73 17.86
C PRO B 259 4.85 13.19 17.68
N GLN B 260 4.88 13.97 18.76
CA GLN B 260 4.48 15.38 18.75
C GLN B 260 5.41 16.24 17.89
N ILE B 261 5.06 16.36 16.60
CA ILE B 261 5.79 17.18 15.62
C ILE B 261 4.89 18.34 15.16
N LYS B 262 5.47 19.54 15.07
CA LYS B 262 4.77 20.74 14.62
C LYS B 262 4.73 20.80 13.09
N ALA B 263 3.80 21.60 12.58
CA ALA B 263 3.54 21.74 11.14
C ALA B 263 4.66 22.46 10.41
N HIS B 264 5.38 21.73 9.55
CA HIS B 264 6.39 22.29 8.67
C HIS B 264 5.69 23.23 7.68
N PRO B 265 5.96 24.55 7.71
CA PRO B 265 5.15 25.53 6.97
C PRO B 265 5.00 25.15 5.49
N TRP B 266 3.75 25.07 5.04
CA TRP B 266 3.38 24.70 3.68
C TRP B 266 4.23 25.35 2.57
N THR B 267 4.69 26.59 2.81
CA THR B 267 5.53 27.33 1.86
C THR B 267 6.87 26.63 1.65
N LYS B 268 7.44 26.11 2.74
CA LYS B 268 8.73 25.41 2.74
C LYS B 268 8.67 23.95 2.23
N VAL B 269 7.45 23.47 1.96
CA VAL B 269 7.21 22.14 1.37
C VAL B 269 7.56 22.07 -0.11
N PHE B 270 7.31 23.18 -0.83
CA PHE B 270 7.45 23.21 -2.28
C PHE B 270 8.66 24.03 -2.73
N ARG B 271 9.02 23.91 -4.02
CA ARG B 271 10.03 24.75 -4.72
C ARG B 271 9.83 26.21 -4.36
N PRO B 272 10.88 27.07 -4.45
CA PRO B 272 10.73 28.49 -4.11
C PRO B 272 9.74 29.26 -5.00
N ARG B 273 9.70 28.95 -6.30
CA ARG B 273 8.94 29.70 -7.34
C ARG B 273 7.51 29.16 -7.47
N THR B 274 7.13 28.16 -6.67
CA THR B 274 5.77 27.62 -6.63
C THR B 274 4.75 28.72 -6.33
N PRO B 275 3.74 28.94 -7.21
CA PRO B 275 2.72 29.96 -6.97
C PRO B 275 2.05 29.85 -5.61
N PRO B 276 2.01 30.95 -4.82
CA PRO B 276 1.40 30.94 -3.47
C PRO B 276 -0.05 30.46 -3.43
N GLU B 277 -0.79 30.62 -4.53
CA GLU B 277 -2.19 30.21 -4.62
C GLU B 277 -2.34 28.69 -4.67
N ALA B 278 -1.41 28.03 -5.38
CA ALA B 278 -1.36 26.57 -5.47
C ALA B 278 -1.16 25.99 -4.07
N ILE B 279 -0.23 26.59 -3.31
CA ILE B 279 0.03 26.19 -1.94
C ILE B 279 -1.20 26.40 -1.05
N ALA B 280 -1.83 27.57 -1.19
CA ALA B 280 -3.05 27.91 -0.46
C ALA B 280 -4.12 26.86 -0.68
N LEU B 281 -4.34 26.51 -1.96
CA LEU B 281 -5.32 25.49 -2.34
C LEU B 281 -4.99 24.13 -1.67
N CYS B 282 -3.72 23.71 -1.72
CA CYS B 282 -3.30 22.45 -1.08
C CYS B 282 -3.72 22.38 0.37
N SER B 283 -3.42 23.44 1.12
CA SER B 283 -3.65 23.48 2.56
C SER B 283 -5.12 23.42 2.94
N ARG B 284 -6.00 23.78 2.00
CA ARG B 284 -7.47 23.79 2.18
C ARG B 284 -8.08 22.47 1.68
N LEU B 285 -7.33 21.69 0.89
CA LEU B 285 -7.72 20.35 0.48
C LEU B 285 -7.21 19.28 1.47
N LEU B 286 -5.93 19.40 1.85
CA LEU B 286 -5.26 18.43 2.71
C LEU B 286 -5.39 18.85 4.17
N GLU B 287 -6.62 18.72 4.69
CA GLU B 287 -6.98 19.00 6.07
C GLU B 287 -7.34 17.68 6.71
N TYR B 288 -6.95 17.49 7.97
CA TYR B 288 -7.30 16.29 8.79
C TYR B 288 -8.82 16.16 8.84
N THR B 289 -9.51 17.20 9.30
CA THR B 289 -10.96 17.19 9.48
C THR B 289 -11.68 17.10 8.13
N PRO B 290 -12.38 15.99 7.83
CA PRO B 290 -13.08 15.83 6.55
C PRO B 290 -13.97 17.03 6.16
N THR B 291 -14.71 17.58 7.13
CA THR B 291 -15.66 18.66 6.90
C THR B 291 -15.01 20.02 6.63
N ALA B 292 -13.73 20.17 7.01
CA ALA B 292 -12.97 21.41 6.82
C ALA B 292 -12.36 21.56 5.43
N ARG B 293 -12.41 20.50 4.63
CA ARG B 293 -11.83 20.48 3.27
C ARG B 293 -12.79 21.23 2.33
N LEU B 294 -12.27 21.87 1.28
CA LEU B 294 -13.10 22.52 0.28
C LEU B 294 -13.98 21.46 -0.36
N THR B 295 -15.14 21.89 -0.88
CA THR B 295 -15.91 21.03 -1.75
C THR B 295 -15.27 21.13 -3.12
N PRO B 296 -15.47 20.13 -4.01
CA PRO B 296 -14.97 20.22 -5.39
C PRO B 296 -15.27 21.59 -6.02
N LEU B 297 -16.52 22.05 -5.88
CA LEU B 297 -17.00 23.28 -6.50
C LEU B 297 -16.35 24.54 -5.93
N GLU B 298 -16.16 24.55 -4.61
CA GLU B 298 -15.42 25.61 -3.92
C GLU B 298 -13.98 25.69 -4.44
N ALA B 299 -13.44 24.53 -4.83
CA ALA B 299 -12.07 24.42 -5.30
C ALA B 299 -11.94 25.00 -6.71
N CYS B 300 -12.91 24.66 -7.57
CA CYS B 300 -13.02 25.25 -8.92
C CYS B 300 -12.99 26.79 -8.85
N ALA B 301 -13.66 27.35 -7.84
CA ALA B 301 -13.76 28.80 -7.63
C ALA B 301 -12.55 29.43 -6.96
N HIS B 302 -11.54 28.61 -6.61
CA HIS B 302 -10.36 29.07 -5.90
C HIS B 302 -9.53 29.98 -6.81
N SER B 303 -8.85 30.95 -6.18
CA SER B 303 -8.01 31.92 -6.89
C SER B 303 -6.96 31.28 -7.80
N PHE B 304 -6.43 30.12 -7.37
CA PHE B 304 -5.46 29.36 -8.14
C PHE B 304 -5.88 29.17 -9.61
N PHE B 305 -7.19 29.06 -9.84
CA PHE B 305 -7.73 28.84 -11.19
C PHE B 305 -8.14 30.10 -11.96
N ASP B 306 -7.81 31.28 -11.41
CA ASP B 306 -8.18 32.57 -12.04
C ASP B 306 -7.69 32.70 -13.49
N GLU B 307 -6.42 32.38 -13.72
CA GLU B 307 -5.85 32.42 -15.06
C GLU B 307 -6.74 31.72 -16.11
N LEU B 308 -7.44 30.65 -15.70
CA LEU B 308 -8.30 29.91 -16.62
C LEU B 308 -9.54 30.70 -17.04
N ARG B 309 -9.94 31.65 -16.20
CA ARG B 309 -11.16 32.50 -16.37
C ARG B 309 -10.80 33.79 -17.09
N ASP B 310 -9.52 34.04 -17.34
CA ASP B 310 -9.07 35.13 -18.18
C ASP B 310 -9.48 34.87 -19.63
N PRO B 311 -10.03 35.88 -20.35
CA PRO B 311 -10.46 35.69 -21.74
C PRO B 311 -9.31 35.45 -22.73
N ASN B 312 -8.12 35.96 -22.41
CA ASN B 312 -6.94 35.84 -23.28
C ASN B 312 -6.17 34.51 -23.16
N VAL B 313 -6.51 33.71 -22.15
CA VAL B 313 -5.83 32.44 -21.90
C VAL B 313 -5.91 31.53 -23.11
N LYS B 314 -4.76 30.99 -23.52
CA LYS B 314 -4.67 29.97 -24.58
C LYS B 314 -3.77 28.84 -24.11
N LEU B 315 -3.89 27.67 -24.75
CA LEU B 315 -2.99 26.56 -24.49
C LEU B 315 -1.64 26.89 -25.10
N PRO B 316 -0.51 26.38 -24.53
CA PRO B 316 0.81 26.63 -25.09
C PRO B 316 0.98 26.21 -26.57
N ASN B 317 0.20 25.23 -27.03
CA ASN B 317 0.18 24.83 -28.44
C ASN B 317 -0.65 25.75 -29.36
N GLY B 318 -1.16 26.87 -28.79
CA GLY B 318 -1.85 27.90 -29.54
C GLY B 318 -3.35 27.72 -29.70
N ARG B 319 -3.84 26.52 -29.41
CA ARG B 319 -5.29 26.17 -29.45
C ARG B 319 -6.02 26.84 -28.28
N ASP B 320 -7.35 26.95 -28.36
CA ASP B 320 -8.16 27.42 -27.24
C ASP B 320 -8.19 26.38 -26.15
N THR B 321 -8.41 26.85 -24.92
CA THR B 321 -8.67 25.96 -23.80
C THR B 321 -10.02 25.31 -24.04
N PRO B 322 -10.25 24.09 -23.50
CA PRO B 322 -11.55 23.44 -23.64
C PRO B 322 -12.64 24.20 -22.85
N ALA B 323 -13.90 23.78 -23.01
CA ALA B 323 -15.03 24.39 -22.33
C ALA B 323 -14.99 24.17 -20.80
N LEU B 324 -14.60 25.22 -20.07
CA LEU B 324 -14.46 25.17 -18.62
C LEU B 324 -15.65 25.74 -17.86
N PHE B 325 -16.62 26.30 -18.58
CA PHE B 325 -17.64 27.18 -17.99
C PHE B 325 -19.09 26.77 -18.16
N ASN B 326 -19.34 25.75 -18.99
CA ASN B 326 -20.68 25.28 -19.27
C ASN B 326 -21.32 24.46 -18.13
N PHE B 327 -21.33 25.02 -16.92
CA PHE B 327 -21.90 24.36 -15.75
C PHE B 327 -23.40 24.13 -15.93
N THR B 328 -23.86 22.93 -15.55
CA THR B 328 -25.30 22.64 -15.41
C THR B 328 -25.77 23.06 -14.02
N THR B 329 -27.09 23.02 -13.84
CA THR B 329 -27.71 23.31 -12.54
C THR B 329 -27.30 22.20 -11.57
N GLN B 330 -27.31 20.96 -12.07
CA GLN B 330 -26.84 19.77 -11.36
C GLN B 330 -25.46 20.03 -10.75
N GLU B 331 -24.49 20.40 -11.60
CA GLU B 331 -23.11 20.69 -11.18
C GLU B 331 -23.00 21.75 -10.09
N LEU B 332 -23.93 22.72 -10.11
CA LEU B 332 -23.88 23.90 -9.26
C LEU B 332 -24.65 23.76 -7.95
N SER B 333 -25.54 22.76 -7.88
CA SER B 333 -26.44 22.54 -6.74
C SER B 333 -25.75 22.52 -5.38
N SER B 334 -24.54 21.94 -5.33
CA SER B 334 -23.65 22.09 -4.19
C SER B 334 -23.78 23.49 -3.56
N ASN B 335 -23.76 24.54 -4.39
CA ASN B 335 -23.69 25.95 -3.96
C ASN B 335 -23.89 26.92 -5.13
N PRO B 336 -25.15 27.14 -5.59
CA PRO B 336 -25.42 27.91 -6.80
C PRO B 336 -24.81 29.31 -6.87
N PRO B 337 -24.85 30.13 -5.79
CA PRO B 337 -24.18 31.43 -5.78
C PRO B 337 -22.80 31.52 -6.42
N LEU B 338 -22.04 30.41 -6.38
CA LEU B 338 -20.68 30.37 -6.92
C LEU B 338 -20.61 30.60 -8.42
N ALA B 339 -21.74 30.42 -9.12
CA ALA B 339 -21.83 30.64 -10.56
C ALA B 339 -21.30 32.03 -10.96
N THR B 340 -21.49 33.01 -10.07
CA THR B 340 -21.03 34.38 -10.31
C THR B 340 -19.50 34.48 -10.45
N ILE B 341 -18.79 33.51 -9.85
CA ILE B 341 -17.34 33.37 -9.98
C ILE B 341 -16.96 32.38 -11.07
N LEU B 342 -17.64 31.22 -11.06
CA LEU B 342 -17.30 30.11 -11.96
C LEU B 342 -17.48 30.46 -13.42
N ILE B 343 -18.59 31.14 -13.73
CA ILE B 343 -18.90 31.58 -15.10
C ILE B 343 -18.48 33.04 -15.26
N PRO B 344 -17.37 33.32 -15.98
CA PRO B 344 -16.83 34.68 -16.04
C PRO B 344 -17.61 35.51 -17.06
N PRO B 345 -17.55 36.87 -16.96
CA PRO B 345 -18.38 37.74 -17.80
C PRO B 345 -18.32 37.36 -19.29
N HIS B 346 -17.11 37.10 -19.80
CA HIS B 346 -16.85 36.84 -21.21
C HIS B 346 -17.40 35.52 -21.78
N ALA B 347 -17.84 34.59 -20.93
CA ALA B 347 -18.27 33.26 -21.39
C ALA B 347 -19.60 33.26 -22.14
#